data_1XHJ
#
_entry.id   1XHJ
#
_entity_poly.entity_id   1
_entity_poly.type   'polypeptide(L)'
_entity_poly.pdbx_seq_one_letter_code
;MPTENPTMFDQVAEVIERLRPFLLRDGGDCTLVDVEDGIVKLQLHGACGTCPSSTITLKAGIERALHEEVPGVIEVEQVF
LEHHHHHH
;
_entity_poly.pdbx_strand_id   A
#
# COMPACT_ATOMS: atom_id res chain seq x y z
N MET A 1 -23.47 10.29 11.26
CA MET A 1 -22.92 9.40 12.32
C MET A 1 -23.62 8.04 12.23
N PRO A 2 -23.19 7.20 11.33
CA PRO A 2 -23.79 5.85 11.13
C PRO A 2 -23.36 4.87 12.24
N THR A 3 -22.16 4.32 12.10
CA THR A 3 -21.62 3.37 13.08
C THR A 3 -20.18 3.03 12.76
N GLU A 4 -19.46 2.55 13.76
CA GLU A 4 -18.06 2.17 13.57
C GLU A 4 -18.00 0.76 12.97
N ASN A 5 -18.95 0.49 12.06
CA ASN A 5 -19.00 -0.80 11.40
C ASN A 5 -17.65 -1.07 10.76
N PRO A 6 -17.42 -2.21 10.17
CA PRO A 6 -16.12 -2.53 9.53
C PRO A 6 -15.58 -1.30 8.79
N THR A 7 -14.78 -0.50 9.50
CA THR A 7 -14.23 0.74 8.96
C THR A 7 -13.24 0.43 7.83
N MET A 8 -12.60 1.49 7.32
CA MET A 8 -11.63 1.34 6.24
C MET A 8 -10.61 0.25 6.59
N PHE A 9 -9.99 0.38 7.75
CA PHE A 9 -8.99 -0.58 8.21
C PHE A 9 -9.41 -2.01 7.88
N ASP A 10 -10.64 -2.36 8.26
CA ASP A 10 -11.15 -3.70 7.99
C ASP A 10 -11.12 -4.01 6.50
N GLN A 11 -11.66 -3.10 5.69
CA GLN A 11 -11.70 -3.26 4.25
C GLN A 11 -10.30 -3.35 3.66
N VAL A 12 -9.50 -2.31 3.85
CA VAL A 12 -8.15 -2.30 3.30
C VAL A 12 -7.41 -3.54 3.77
N ALA A 13 -7.37 -3.74 5.08
CA ALA A 13 -6.70 -4.91 5.63
C ALA A 13 -7.22 -6.17 4.95
N GLU A 14 -8.55 -6.22 4.79
CA GLU A 14 -9.20 -7.36 4.16
C GLU A 14 -8.74 -7.55 2.71
N VAL A 15 -9.01 -6.55 1.88
CA VAL A 15 -8.62 -6.64 0.46
C VAL A 15 -7.10 -6.81 0.31
N ILE A 16 -6.34 -6.08 1.13
CA ILE A 16 -4.88 -6.15 1.06
C ILE A 16 -4.40 -7.61 1.20
N GLU A 17 -4.65 -8.20 2.37
CA GLU A 17 -4.23 -9.59 2.61
C GLU A 17 -4.74 -10.51 1.51
N ARG A 18 -5.87 -10.18 0.92
CA ARG A 18 -6.45 -10.98 -0.14
C ARG A 18 -5.59 -10.90 -1.40
N LEU A 19 -5.27 -9.68 -1.82
CA LEU A 19 -4.45 -9.47 -3.01
C LEU A 19 -2.98 -9.75 -2.75
N ARG A 20 -2.58 -9.68 -1.47
CA ARG A 20 -1.17 -9.92 -1.09
C ARG A 20 -0.53 -11.02 -1.93
N PRO A 21 -1.07 -12.23 -1.88
CA PRO A 21 -0.53 -13.38 -2.66
C PRO A 21 -0.23 -13.01 -4.12
N PHE A 22 -1.10 -12.21 -4.71
CA PHE A 22 -0.93 -11.79 -6.10
C PHE A 22 0.16 -10.74 -6.20
N LEU A 23 0.15 -9.78 -5.28
CA LEU A 23 1.15 -8.72 -5.26
C LEU A 23 2.55 -9.31 -5.12
N LEU A 24 2.70 -10.21 -4.15
CA LEU A 24 4.00 -10.86 -3.90
C LEU A 24 4.55 -11.48 -5.18
N ARG A 25 3.67 -12.15 -5.92
CA ARG A 25 4.07 -12.81 -7.16
C ARG A 25 4.68 -11.83 -8.17
N ASP A 26 4.01 -10.69 -8.38
CA ASP A 26 4.50 -9.71 -9.35
C ASP A 26 5.21 -8.52 -8.69
N GLY A 27 4.50 -7.82 -7.80
CA GLY A 27 5.07 -6.64 -7.14
C GLY A 27 5.78 -6.99 -5.84
N GLY A 28 4.99 -7.23 -4.80
CA GLY A 28 5.56 -7.56 -3.48
C GLY A 28 4.46 -7.66 -2.43
N ASP A 29 4.71 -7.10 -1.25
CA ASP A 29 3.72 -7.14 -0.18
C ASP A 29 3.52 -5.75 0.41
N CYS A 30 2.26 -5.35 0.54
CA CYS A 30 1.93 -4.05 1.10
C CYS A 30 1.63 -4.15 2.59
N THR A 31 1.81 -3.04 3.30
CA THR A 31 1.56 -3.02 4.73
C THR A 31 1.09 -1.63 5.17
N LEU A 32 -0.15 -1.56 5.63
CA LEU A 32 -0.71 -0.28 6.08
C LEU A 32 -0.05 0.16 7.37
N VAL A 33 0.47 1.38 7.38
CA VAL A 33 1.14 1.93 8.56
C VAL A 33 0.21 2.84 9.35
N ASP A 34 -0.59 3.65 8.64
CA ASP A 34 -1.52 4.57 9.30
C ASP A 34 -2.66 4.95 8.37
N VAL A 35 -3.88 4.91 8.91
CA VAL A 35 -5.07 5.27 8.14
C VAL A 35 -5.57 6.66 8.55
N GLU A 36 -5.55 7.59 7.59
CA GLU A 36 -6.00 8.96 7.88
C GLU A 36 -7.17 9.34 6.98
N ASP A 37 -7.64 10.57 7.14
CA ASP A 37 -8.76 11.07 6.34
C ASP A 37 -8.33 11.27 4.90
N GLY A 38 -7.01 11.26 4.67
CA GLY A 38 -6.47 11.44 3.33
C GLY A 38 -4.96 11.21 3.33
N ILE A 39 -4.31 11.56 4.43
CA ILE A 39 -2.86 11.41 4.55
C ILE A 39 -2.51 9.99 5.00
N VAL A 40 -2.92 9.00 4.19
CA VAL A 40 -2.64 7.60 4.50
C VAL A 40 -1.14 7.32 4.36
N LYS A 41 -0.71 6.19 4.92
CA LYS A 41 0.71 5.81 4.87
C LYS A 41 0.84 4.29 4.92
N LEU A 42 1.46 3.73 3.88
CA LEU A 42 1.67 2.29 3.80
C LEU A 42 3.13 1.97 3.49
N GLN A 43 3.45 0.69 3.37
CA GLN A 43 4.82 0.28 3.08
C GLN A 43 4.85 -0.95 2.19
N LEU A 44 5.43 -0.78 1.00
CA LEU A 44 5.54 -1.88 0.05
C LEU A 44 6.88 -2.60 0.23
N HIS A 45 6.89 -3.91 -0.04
CA HIS A 45 8.12 -4.69 0.09
C HIS A 45 7.98 -6.03 -0.61
N GLY A 46 8.85 -6.27 -1.60
CA GLY A 46 8.83 -7.51 -2.36
C GLY A 46 9.97 -8.43 -1.94
N ALA A 47 11.03 -7.83 -1.43
CA ALA A 47 12.19 -8.59 -0.98
C ALA A 47 13.20 -7.67 -0.29
N CYS A 48 14.28 -7.33 -1.01
CA CYS A 48 15.30 -6.45 -0.45
C CYS A 48 16.36 -6.14 -1.51
N GLY A 49 16.24 -4.98 -2.14
CA GLY A 49 17.20 -4.57 -3.16
C GLY A 49 17.90 -3.28 -2.75
N THR A 50 18.25 -2.46 -3.75
CA THR A 50 18.93 -1.19 -3.49
C THR A 50 18.40 -0.11 -4.43
N CYS A 51 18.25 -0.45 -5.71
CA CYS A 51 17.75 0.49 -6.70
C CYS A 51 16.72 -0.20 -7.60
N PRO A 52 15.50 -0.33 -7.12
CA PRO A 52 14.40 -0.98 -7.88
C PRO A 52 13.87 -0.10 -9.00
N SER A 53 14.00 -0.58 -10.23
CA SER A 53 13.51 0.16 -11.40
C SER A 53 12.07 -0.23 -11.71
N SER A 54 11.68 -1.44 -11.29
CA SER A 54 10.33 -1.93 -11.54
C SER A 54 9.36 -1.43 -10.46
N THR A 55 9.81 -1.45 -9.20
CA THR A 55 8.97 -0.98 -8.10
C THR A 55 8.50 0.45 -8.34
N ILE A 56 9.38 1.26 -8.93
CA ILE A 56 9.04 2.64 -9.23
C ILE A 56 7.81 2.71 -10.14
N THR A 57 7.82 1.91 -11.19
CA THR A 57 6.70 1.87 -12.13
C THR A 57 5.45 1.38 -11.43
N LEU A 58 5.58 0.24 -10.74
CA LEU A 58 4.46 -0.35 -10.03
C LEU A 58 3.91 0.63 -8.99
N LYS A 59 4.83 1.25 -8.24
CA LYS A 59 4.46 2.22 -7.21
C LYS A 59 3.42 3.20 -7.75
N ALA A 60 3.78 3.90 -8.81
CA ALA A 60 2.88 4.87 -9.43
C ALA A 60 1.62 4.17 -9.94
N GLY A 61 1.76 2.89 -10.27
CA GLY A 61 0.64 2.11 -10.77
C GLY A 61 -0.44 1.94 -9.70
N ILE A 62 -0.06 1.39 -8.54
CA ILE A 62 -1.01 1.18 -7.45
C ILE A 62 -1.59 2.53 -7.01
N GLU A 63 -0.71 3.47 -6.69
CA GLU A 63 -1.14 4.80 -6.25
C GLU A 63 -2.27 5.32 -7.14
N ARG A 64 -2.00 5.36 -8.44
CA ARG A 64 -3.00 5.85 -9.40
C ARG A 64 -4.31 5.05 -9.26
N ALA A 65 -4.19 3.73 -9.21
CA ALA A 65 -5.36 2.87 -9.07
C ALA A 65 -6.14 3.23 -7.81
N LEU A 66 -5.41 3.39 -6.70
CA LEU A 66 -6.05 3.74 -5.43
C LEU A 66 -6.83 5.04 -5.56
N HIS A 67 -6.15 6.10 -6.00
CA HIS A 67 -6.78 7.40 -6.17
C HIS A 67 -8.01 7.29 -7.09
N GLU A 68 -7.87 6.53 -8.18
CA GLU A 68 -8.97 6.36 -9.11
C GLU A 68 -10.13 5.59 -8.47
N GLU A 69 -9.79 4.51 -7.78
CA GLU A 69 -10.80 3.68 -7.12
C GLU A 69 -11.20 4.28 -5.78
N VAL A 70 -10.57 5.39 -5.40
CA VAL A 70 -10.88 6.07 -4.15
C VAL A 70 -10.56 7.56 -4.28
N PRO A 71 -11.36 8.26 -5.06
CA PRO A 71 -11.17 9.72 -5.28
C PRO A 71 -11.58 10.55 -4.07
N GLY A 72 -10.66 11.38 -3.59
CA GLY A 72 -10.92 12.23 -2.43
C GLY A 72 -9.66 12.41 -1.60
N VAL A 73 -8.66 11.58 -1.89
CA VAL A 73 -7.39 11.63 -1.17
C VAL A 73 -6.67 12.95 -1.44
N ILE A 74 -5.66 13.22 -0.61
CA ILE A 74 -4.89 14.45 -0.74
C ILE A 74 -3.40 14.14 -0.85
N GLU A 75 -2.96 13.09 -0.15
CA GLU A 75 -1.56 12.68 -0.17
C GLU A 75 -1.42 11.26 0.36
N VAL A 76 -0.34 10.59 -0.03
CA VAL A 76 -0.11 9.22 0.42
C VAL A 76 1.39 8.91 0.44
N GLU A 77 1.87 8.47 1.60
CA GLU A 77 3.29 8.13 1.76
C GLU A 77 3.50 6.63 1.65
N GLN A 78 3.92 6.18 0.47
CA GLN A 78 4.17 4.77 0.24
C GLN A 78 5.67 4.51 0.23
N VAL A 79 6.19 4.12 1.39
CA VAL A 79 7.61 3.84 1.52
C VAL A 79 7.91 2.39 1.14
N PHE A 80 8.78 2.21 0.15
CA PHE A 80 9.13 0.86 -0.29
C PHE A 80 10.41 0.40 0.39
N LEU A 81 10.44 -0.87 0.78
CA LEU A 81 11.63 -1.41 1.45
C LEU A 81 12.54 -2.12 0.46
N GLU A 82 12.76 -1.47 -0.69
CA GLU A 82 13.62 -2.03 -1.73
C GLU A 82 13.05 -3.33 -2.30
N HIS A 83 13.43 -3.63 -3.54
CA HIS A 83 12.97 -4.84 -4.22
C HIS A 83 13.60 -4.92 -5.60
N HIS A 84 14.87 -5.30 -5.65
CA HIS A 84 15.58 -5.42 -6.92
C HIS A 84 14.89 -6.41 -7.85
N HIS A 85 15.45 -6.58 -9.05
CA HIS A 85 14.88 -7.50 -10.03
C HIS A 85 15.98 -8.37 -10.66
N HIS A 86 15.58 -9.53 -11.17
CA HIS A 86 16.52 -10.44 -11.80
C HIS A 86 17.33 -9.72 -12.88
N HIS A 87 16.63 -9.13 -13.85
CA HIS A 87 17.29 -8.41 -14.93
C HIS A 87 16.29 -7.54 -15.67
N HIS A 88 16.81 -6.57 -16.44
CA HIS A 88 15.95 -5.66 -17.19
C HIS A 88 15.03 -4.88 -16.24
N MET A 1 -24.10 6.60 14.05
CA MET A 1 -24.96 5.93 15.07
C MET A 1 -24.49 4.50 15.31
N PRO A 2 -24.15 3.78 14.25
CA PRO A 2 -23.68 2.37 14.37
C PRO A 2 -22.27 2.28 14.93
N THR A 3 -21.74 1.06 14.99
CA THR A 3 -20.39 0.84 15.52
C THR A 3 -19.35 1.63 14.73
N GLU A 4 -18.13 1.66 15.24
CA GLU A 4 -17.04 2.38 14.59
C GLU A 4 -15.76 1.55 14.60
N ASN A 5 -15.93 0.23 14.60
CA ASN A 5 -14.79 -0.69 14.60
C ASN A 5 -14.55 -1.26 13.21
N PRO A 6 -15.57 -1.77 12.57
CA PRO A 6 -15.45 -2.36 11.20
C PRO A 6 -15.36 -1.27 10.13
N THR A 7 -14.60 -0.23 10.44
CA THR A 7 -14.42 0.89 9.51
C THR A 7 -13.55 0.47 8.32
N MET A 8 -12.99 1.45 7.62
CA MET A 8 -12.14 1.18 6.46
C MET A 8 -11.08 0.14 6.81
N PHE A 9 -10.44 0.32 7.97
CA PHE A 9 -9.40 -0.60 8.42
C PHE A 9 -9.80 -2.05 8.15
N ASP A 10 -11.10 -2.31 8.28
CA ASP A 10 -11.64 -3.64 8.04
C ASP A 10 -11.43 -4.08 6.58
N GLN A 11 -12.03 -3.32 5.67
CA GLN A 11 -11.95 -3.63 4.24
C GLN A 11 -10.52 -3.66 3.72
N VAL A 12 -9.79 -2.58 3.95
CA VAL A 12 -8.42 -2.51 3.47
C VAL A 12 -7.64 -3.72 3.92
N ALA A 13 -7.54 -3.90 5.23
CA ALA A 13 -6.81 -5.02 5.76
C ALA A 13 -7.28 -6.31 5.11
N GLU A 14 -8.60 -6.43 4.94
CA GLU A 14 -9.19 -7.61 4.32
C GLU A 14 -8.76 -7.73 2.86
N VAL A 15 -9.02 -6.68 2.08
CA VAL A 15 -8.67 -6.68 0.67
C VAL A 15 -7.16 -6.86 0.48
N ILE A 16 -6.37 -6.06 1.17
CA ILE A 16 -4.91 -6.13 1.07
C ILE A 16 -4.43 -7.57 1.32
N GLU A 17 -4.90 -8.17 2.40
CA GLU A 17 -4.51 -9.54 2.73
C GLU A 17 -4.71 -10.45 1.52
N ARG A 18 -5.86 -10.33 0.88
CA ARG A 18 -6.17 -11.14 -0.29
C ARG A 18 -5.32 -10.73 -1.50
N LEU A 19 -5.15 -9.42 -1.69
CA LEU A 19 -4.37 -8.91 -2.82
C LEU A 19 -2.86 -9.08 -2.60
N ARG A 20 -2.46 -9.19 -1.34
CA ARG A 20 -1.05 -9.35 -1.00
C ARG A 20 -0.35 -10.34 -1.93
N PRO A 21 -0.75 -11.59 -1.92
CA PRO A 21 -0.16 -12.65 -2.78
C PRO A 21 0.06 -12.19 -4.22
N PHE A 22 -0.77 -11.24 -4.68
CA PHE A 22 -0.66 -10.72 -6.03
C PHE A 22 0.49 -9.73 -6.13
N LEU A 23 0.50 -8.76 -5.22
CA LEU A 23 1.56 -7.74 -5.20
C LEU A 23 2.93 -8.39 -5.06
N LEU A 24 3.02 -9.40 -4.19
CA LEU A 24 4.29 -10.10 -3.97
C LEU A 24 4.86 -10.61 -5.28
N ARG A 25 4.05 -11.37 -6.01
CA ARG A 25 4.46 -11.95 -7.28
C ARG A 25 4.93 -10.88 -8.28
N ASP A 26 4.32 -9.69 -8.25
CA ASP A 26 4.70 -8.64 -9.20
C ASP A 26 5.59 -7.57 -8.56
N GLY A 27 5.11 -6.93 -7.51
CA GLY A 27 5.88 -5.87 -6.84
C GLY A 27 6.53 -6.39 -5.56
N GLY A 28 5.72 -6.55 -4.51
CA GLY A 28 6.24 -7.02 -3.22
C GLY A 28 5.11 -7.16 -2.20
N ASP A 29 5.44 -6.93 -0.94
CA ASP A 29 4.44 -7.03 0.13
C ASP A 29 4.06 -5.65 0.64
N CYS A 30 2.77 -5.43 0.79
CA CYS A 30 2.26 -4.15 1.27
C CYS A 30 1.97 -4.23 2.76
N THR A 31 2.09 -3.10 3.45
CA THR A 31 1.84 -3.06 4.90
C THR A 31 1.28 -1.70 5.31
N LEU A 32 0.01 -1.70 5.72
CA LEU A 32 -0.64 -0.46 6.14
C LEU A 32 -0.05 0.01 7.47
N VAL A 33 0.33 1.29 7.53
CA VAL A 33 0.92 1.85 8.73
C VAL A 33 -0.11 2.64 9.54
N ASP A 34 -0.98 3.38 8.85
CA ASP A 34 -1.99 4.17 9.55
C ASP A 34 -3.10 4.60 8.61
N VAL A 35 -4.32 4.63 9.15
CA VAL A 35 -5.48 5.04 8.37
C VAL A 35 -5.98 6.41 8.85
N GLU A 36 -5.67 7.44 8.08
CA GLU A 36 -6.09 8.79 8.43
C GLU A 36 -7.24 9.23 7.55
N ASP A 37 -7.77 10.43 7.80
CA ASP A 37 -8.88 10.94 7.02
C ASP A 37 -8.54 10.96 5.52
N GLY A 38 -7.28 10.69 5.19
CA GLY A 38 -6.84 10.66 3.81
C GLY A 38 -5.34 10.41 3.70
N ILE A 39 -4.60 10.76 4.74
CA ILE A 39 -3.15 10.56 4.75
C ILE A 39 -2.81 9.14 5.14
N VAL A 40 -3.26 8.19 4.33
CA VAL A 40 -3.01 6.77 4.59
C VAL A 40 -1.56 6.42 4.27
N LYS A 41 -0.82 6.00 5.29
CA LYS A 41 0.57 5.61 5.10
C LYS A 41 0.63 4.16 4.63
N LEU A 42 1.66 3.83 3.86
CA LEU A 42 1.82 2.47 3.34
C LEU A 42 3.29 2.08 3.29
N GLN A 43 3.57 0.79 3.24
CA GLN A 43 4.96 0.32 3.19
C GLN A 43 5.09 -0.92 2.32
N LEU A 44 5.72 -0.75 1.15
CA LEU A 44 5.92 -1.87 0.23
C LEU A 44 7.29 -2.50 0.46
N HIS A 45 7.36 -3.83 0.33
CA HIS A 45 8.62 -4.54 0.52
C HIS A 45 8.56 -5.93 -0.10
N GLY A 46 9.33 -6.14 -1.17
CA GLY A 46 9.35 -7.42 -1.86
C GLY A 46 10.55 -8.26 -1.40
N ALA A 47 11.70 -8.01 -2.02
CA ALA A 47 12.92 -8.73 -1.68
C ALA A 47 13.53 -8.18 -0.39
N CYS A 48 14.39 -7.19 -0.52
CA CYS A 48 15.05 -6.57 0.64
C CYS A 48 15.22 -5.07 0.41
N GLY A 49 14.65 -4.57 -0.68
CA GLY A 49 14.76 -3.15 -1.02
C GLY A 49 16.01 -2.90 -1.86
N THR A 50 16.42 -3.93 -2.60
CA THR A 50 17.60 -3.83 -3.45
C THR A 50 17.32 -2.93 -4.66
N CYS A 51 17.01 -1.66 -4.38
CA CYS A 51 16.71 -0.68 -5.43
C CYS A 51 16.03 -1.34 -6.64
N PRO A 52 14.76 -1.64 -6.52
CA PRO A 52 13.98 -2.28 -7.62
C PRO A 52 13.66 -1.30 -8.76
N SER A 53 13.88 -1.75 -9.98
CA SER A 53 13.60 -0.93 -11.16
C SER A 53 12.19 -1.20 -11.68
N SER A 54 11.68 -2.40 -11.41
CA SER A 54 10.35 -2.79 -11.87
C SER A 54 9.26 -2.30 -10.90
N THR A 55 9.50 -2.47 -9.60
CA THR A 55 8.52 -2.05 -8.60
C THR A 55 8.12 -0.60 -8.84
N ILE A 56 9.05 0.19 -9.36
CA ILE A 56 8.78 1.60 -9.65
C ILE A 56 7.60 1.72 -10.61
N THR A 57 7.58 0.87 -11.62
CA THR A 57 6.50 0.88 -12.61
C THR A 57 5.18 0.51 -11.94
N LEU A 58 5.16 -0.63 -11.26
CA LEU A 58 3.95 -1.09 -10.58
C LEU A 58 3.46 -0.02 -9.60
N LYS A 59 4.39 0.51 -8.80
CA LYS A 59 4.04 1.54 -7.83
C LYS A 59 3.23 2.65 -8.50
N ALA A 60 3.76 3.18 -9.59
CA ALA A 60 3.08 4.23 -10.34
C ALA A 60 1.75 3.74 -10.87
N GLY A 61 1.61 2.42 -11.01
CA GLY A 61 0.38 1.83 -11.52
C GLY A 61 -0.72 1.90 -10.47
N ILE A 62 -0.49 1.28 -9.31
CA ILE A 62 -1.48 1.28 -8.25
C ILE A 62 -1.72 2.72 -7.76
N GLU A 63 -0.64 3.43 -7.48
CA GLU A 63 -0.75 4.82 -7.02
C GLU A 63 -1.75 5.58 -7.88
N ARG A 64 -1.47 5.68 -9.18
CA ARG A 64 -2.36 6.38 -10.10
C ARG A 64 -3.79 5.86 -9.99
N ALA A 65 -3.92 4.53 -9.96
CA ALA A 65 -5.24 3.90 -9.85
C ALA A 65 -5.96 4.37 -8.59
N LEU A 66 -5.32 4.15 -7.44
CA LEU A 66 -5.90 4.56 -6.17
C LEU A 66 -6.20 6.05 -6.17
N HIS A 67 -5.20 6.84 -6.59
CA HIS A 67 -5.36 8.29 -6.66
C HIS A 67 -6.62 8.66 -7.42
N GLU A 68 -6.88 7.92 -8.50
CA GLU A 68 -8.05 8.17 -9.33
C GLU A 68 -9.33 7.97 -8.52
N GLU A 69 -9.47 6.79 -7.92
CA GLU A 69 -10.66 6.48 -7.14
C GLU A 69 -10.48 6.97 -5.70
N VAL A 70 -10.55 6.04 -4.75
CA VAL A 70 -10.40 6.35 -3.33
C VAL A 70 -11.03 7.71 -3.01
N PRO A 71 -12.28 7.90 -3.37
CA PRO A 71 -13.02 9.17 -3.13
C PRO A 71 -12.74 9.74 -1.74
N GLY A 72 -11.85 10.72 -1.68
CA GLY A 72 -11.49 11.34 -0.41
C GLY A 72 -9.97 11.41 -0.26
N VAL A 73 -9.25 10.75 -1.17
CA VAL A 73 -7.79 10.74 -1.11
C VAL A 73 -7.24 12.15 -1.35
N ILE A 74 -6.19 12.48 -0.62
CA ILE A 74 -5.57 13.79 -0.73
C ILE A 74 -4.07 13.66 -0.96
N GLU A 75 -3.42 12.85 -0.14
CA GLU A 75 -1.98 12.64 -0.25
C GLU A 75 -1.57 11.41 0.57
N VAL A 76 -1.21 10.34 -0.14
CA VAL A 76 -0.79 9.10 0.54
C VAL A 76 0.69 9.14 0.87
N GLU A 77 1.18 8.08 1.50
CA GLU A 77 2.59 7.99 1.88
C GLU A 77 3.05 6.53 1.84
N GLN A 78 3.48 6.09 0.66
CA GLN A 78 3.95 4.71 0.49
C GLN A 78 5.47 4.68 0.46
N VAL A 79 6.08 4.52 1.63
CA VAL A 79 7.54 4.48 1.74
C VAL A 79 8.04 3.04 1.60
N PHE A 80 9.35 2.88 1.58
CA PHE A 80 9.97 1.56 1.46
C PHE A 80 10.61 1.15 2.77
N LEU A 81 10.01 0.18 3.45
CA LEU A 81 10.54 -0.29 4.72
C LEU A 81 11.52 -1.44 4.50
N GLU A 82 12.80 -1.09 4.36
CA GLU A 82 13.84 -2.07 4.15
C GLU A 82 14.10 -2.88 5.43
N HIS A 83 13.34 -2.55 6.47
CA HIS A 83 13.46 -3.23 7.75
C HIS A 83 12.47 -4.40 7.82
N HIS A 84 12.95 -5.59 7.44
CA HIS A 84 12.11 -6.78 7.46
C HIS A 84 11.58 -7.05 8.87
N HIS A 85 12.15 -8.05 9.55
CA HIS A 85 11.74 -8.39 10.90
C HIS A 85 10.25 -8.74 10.95
N HIS A 86 9.82 -9.35 12.05
CA HIS A 86 8.41 -9.73 12.21
C HIS A 86 7.90 -9.28 13.58
N HIS A 87 6.59 -9.07 13.67
CA HIS A 87 5.98 -8.64 14.93
C HIS A 87 5.62 -9.84 15.79
N HIS A 88 4.96 -10.81 15.18
CA HIS A 88 4.56 -12.03 15.89
C HIS A 88 5.65 -13.10 15.74
N MET A 1 -25.31 -0.85 0.06
CA MET A 1 -25.68 -0.17 1.34
C MET A 1 -24.73 -0.66 2.45
N PRO A 2 -23.50 -0.23 2.43
CA PRO A 2 -22.48 -0.61 3.45
C PRO A 2 -22.73 0.11 4.78
N THR A 3 -22.67 -0.63 5.87
CA THR A 3 -22.90 -0.07 7.20
C THR A 3 -21.66 0.70 7.69
N GLU A 4 -21.86 1.51 8.72
CA GLU A 4 -20.77 2.31 9.30
C GLU A 4 -20.11 1.57 10.46
N ASN A 5 -20.09 0.24 10.37
CA ASN A 5 -19.47 -0.55 11.42
C ASN A 5 -18.07 -0.99 10.97
N PRO A 6 -17.96 -1.56 9.80
CA PRO A 6 -16.65 -1.99 9.24
C PRO A 6 -15.94 -0.79 8.61
N THR A 7 -15.01 -0.20 9.36
CA THR A 7 -14.29 0.98 8.86
C THR A 7 -13.30 0.58 7.75
N MET A 8 -12.64 1.59 7.18
CA MET A 8 -11.68 1.36 6.10
C MET A 8 -10.66 0.30 6.49
N PHE A 9 -10.00 0.48 7.64
CA PHE A 9 -9.00 -0.46 8.12
C PHE A 9 -9.39 -1.90 7.77
N ASP A 10 -10.64 -2.25 8.06
CA ASP A 10 -11.14 -3.58 7.76
C ASP A 10 -11.01 -3.89 6.26
N GLN A 11 -11.53 -2.97 5.44
CA GLN A 11 -11.50 -3.13 4.00
C GLN A 11 -10.08 -3.20 3.47
N VAL A 12 -9.36 -2.09 3.56
CA VAL A 12 -7.99 -2.03 3.06
C VAL A 12 -7.22 -3.25 3.54
N ALA A 13 -7.25 -3.48 4.84
CA ALA A 13 -6.57 -4.62 5.40
C ALA A 13 -6.97 -5.88 4.64
N GLU A 14 -8.29 -6.05 4.49
CA GLU A 14 -8.83 -7.21 3.78
C GLU A 14 -8.40 -7.21 2.31
N VAL A 15 -8.66 -6.10 1.63
CA VAL A 15 -8.34 -5.97 0.22
C VAL A 15 -6.85 -6.21 -0.03
N ILE A 16 -6.00 -5.47 0.67
CA ILE A 16 -4.55 -5.62 0.51
C ILE A 16 -4.14 -7.08 0.65
N GLU A 17 -4.50 -7.68 1.78
CA GLU A 17 -4.17 -9.08 2.05
C GLU A 17 -4.57 -9.97 0.87
N ARG A 18 -5.67 -9.60 0.22
CA ARG A 18 -6.17 -10.36 -0.92
C ARG A 18 -5.19 -10.32 -2.10
N LEU A 19 -4.86 -9.11 -2.55
CA LEU A 19 -3.94 -8.94 -3.68
C LEU A 19 -2.50 -9.19 -3.28
N ARG A 20 -2.20 -9.03 -1.99
CA ARG A 20 -0.85 -9.21 -1.46
C ARG A 20 -0.12 -10.36 -2.18
N PRO A 21 -0.66 -11.56 -2.13
CA PRO A 21 -0.04 -12.76 -2.79
C PRO A 21 0.42 -12.45 -4.20
N PHE A 22 -0.34 -11.62 -4.91
CA PHE A 22 0.01 -11.25 -6.28
C PHE A 22 1.14 -10.22 -6.28
N LEU A 23 1.02 -9.21 -5.42
CA LEU A 23 2.04 -8.17 -5.33
C LEU A 23 3.39 -8.78 -4.94
N LEU A 24 3.39 -9.62 -3.92
CA LEU A 24 4.62 -10.25 -3.45
C LEU A 24 5.34 -10.98 -4.59
N ARG A 25 4.60 -11.88 -5.25
CA ARG A 25 5.16 -12.67 -6.34
C ARG A 25 5.74 -11.79 -7.46
N ASP A 26 5.07 -10.69 -7.79
CA ASP A 26 5.54 -9.82 -8.87
C ASP A 26 6.32 -8.61 -8.36
N GLY A 27 5.69 -7.81 -7.48
CA GLY A 27 6.34 -6.62 -6.95
C GLY A 27 6.95 -6.86 -5.57
N GLY A 28 6.09 -6.88 -4.54
CA GLY A 28 6.56 -7.09 -3.18
C GLY A 28 5.38 -7.15 -2.19
N ASP A 29 5.67 -6.91 -0.92
CA ASP A 29 4.64 -6.96 0.11
C ASP A 29 4.31 -5.55 0.62
N CYS A 30 3.02 -5.29 0.84
CA CYS A 30 2.58 -3.98 1.33
C CYS A 30 2.13 -4.09 2.79
N THR A 31 2.17 -2.97 3.50
CA THR A 31 1.76 -2.96 4.91
C THR A 31 1.18 -1.60 5.29
N LEU A 32 -0.09 -1.59 5.71
CA LEU A 32 -0.75 -0.36 6.11
C LEU A 32 -0.14 0.14 7.42
N VAL A 33 0.55 1.28 7.35
CA VAL A 33 1.18 1.86 8.54
C VAL A 33 0.16 2.58 9.41
N ASP A 34 -0.70 3.39 8.79
CA ASP A 34 -1.70 4.13 9.54
C ASP A 34 -2.76 4.71 8.62
N VAL A 35 -4.01 4.72 9.08
CA VAL A 35 -5.10 5.25 8.29
C VAL A 35 -5.62 6.54 8.94
N GLU A 36 -5.70 7.61 8.15
CA GLU A 36 -6.16 8.89 8.64
C GLU A 36 -6.79 9.70 7.52
N ASP A 37 -8.11 9.68 7.44
CA ASP A 37 -8.84 10.41 6.41
C ASP A 37 -8.30 10.06 5.02
N GLY A 38 -7.25 10.76 4.60
CA GLY A 38 -6.63 10.51 3.29
C GLY A 38 -5.12 10.33 3.42
N ILE A 39 -4.57 10.64 4.59
CA ILE A 39 -3.14 10.50 4.84
C ILE A 39 -2.82 9.06 5.24
N VAL A 40 -3.12 8.13 4.34
CA VAL A 40 -2.86 6.71 4.61
C VAL A 40 -1.41 6.36 4.33
N LYS A 41 -0.68 6.07 5.39
CA LYS A 41 0.72 5.69 5.27
C LYS A 41 0.84 4.19 5.05
N LEU A 42 1.58 3.79 4.02
CA LEU A 42 1.73 2.36 3.72
C LEU A 42 3.17 2.05 3.31
N GLN A 43 3.64 0.87 3.70
CA GLN A 43 4.99 0.44 3.37
C GLN A 43 4.96 -0.52 2.17
N LEU A 44 6.13 -0.74 1.57
CA LEU A 44 6.22 -1.63 0.42
C LEU A 44 7.59 -2.30 0.35
N HIS A 45 7.65 -3.55 0.80
CA HIS A 45 8.91 -4.31 0.80
C HIS A 45 9.19 -4.83 -0.61
N GLY A 46 10.02 -4.12 -1.36
CA GLY A 46 10.36 -4.53 -2.72
C GLY A 46 11.26 -5.76 -2.70
N ALA A 47 10.68 -6.90 -2.31
CA ALA A 47 11.43 -8.16 -2.25
C ALA A 47 12.45 -8.15 -1.11
N CYS A 48 13.21 -7.06 -1.00
CA CYS A 48 14.22 -6.94 0.04
C CYS A 48 14.71 -5.49 0.17
N GLY A 49 13.83 -4.54 -0.12
CA GLY A 49 14.17 -3.13 -0.03
C GLY A 49 14.46 -2.55 -1.42
N THR A 50 14.79 -1.26 -1.46
CA THR A 50 15.08 -0.58 -2.74
C THR A 50 15.93 -1.48 -3.64
N CYS A 51 15.36 -1.89 -4.78
CA CYS A 51 16.08 -2.74 -5.72
C CYS A 51 15.22 -3.03 -6.96
N PRO A 52 14.10 -3.70 -6.80
CA PRO A 52 13.20 -4.04 -7.94
C PRO A 52 12.98 -2.86 -8.88
N SER A 53 13.27 -3.07 -10.15
CA SER A 53 13.12 -2.03 -11.15
C SER A 53 11.67 -1.94 -11.62
N SER A 54 10.91 -3.02 -11.42
CA SER A 54 9.52 -3.07 -11.85
C SER A 54 8.60 -2.45 -10.79
N THR A 55 8.99 -2.56 -9.52
CA THR A 55 8.17 -2.00 -8.43
C THR A 55 7.71 -0.59 -8.80
N ILE A 56 8.56 0.13 -9.52
CA ILE A 56 8.24 1.49 -9.94
C ILE A 56 6.96 1.51 -10.78
N THR A 57 6.85 0.55 -11.69
CA THR A 57 5.68 0.46 -12.56
C THR A 57 4.42 0.19 -11.73
N LEU A 58 4.50 -0.83 -10.86
CA LEU A 58 3.36 -1.18 -10.02
C LEU A 58 2.98 -0.01 -9.10
N LYS A 59 3.99 0.59 -8.47
CA LYS A 59 3.76 1.72 -7.58
C LYS A 59 2.81 2.73 -8.22
N ALA A 60 3.22 3.29 -9.35
CA ALA A 60 2.39 4.27 -10.06
C ALA A 60 1.06 3.64 -10.45
N GLY A 61 1.04 2.31 -10.59
CA GLY A 61 -0.18 1.61 -10.97
C GLY A 61 -1.23 1.71 -9.86
N ILE A 62 -0.88 1.24 -8.67
CA ILE A 62 -1.80 1.28 -7.54
C ILE A 62 -2.10 2.73 -7.16
N GLU A 63 -1.04 3.51 -6.98
CA GLU A 63 -1.20 4.93 -6.63
C GLU A 63 -2.28 5.58 -7.47
N ARG A 64 -2.16 5.44 -8.79
CA ARG A 64 -3.14 6.00 -9.71
C ARG A 64 -4.54 5.54 -9.36
N ALA A 65 -4.74 4.23 -9.33
CA ALA A 65 -6.04 3.66 -9.00
C ALA A 65 -6.53 4.19 -7.66
N LEU A 66 -5.69 4.09 -6.64
CA LEU A 66 -6.03 4.58 -5.31
C LEU A 66 -6.34 6.07 -5.35
N HIS A 67 -5.40 6.86 -5.86
CA HIS A 67 -5.57 8.31 -5.97
C HIS A 67 -6.89 8.64 -6.66
N GLU A 68 -7.21 7.87 -7.70
CA GLU A 68 -8.45 8.10 -8.45
C GLU A 68 -9.67 7.89 -7.56
N GLU A 69 -9.78 6.70 -6.97
CA GLU A 69 -10.90 6.39 -6.11
C GLU A 69 -10.64 6.90 -4.69
N VAL A 70 -10.62 5.97 -3.74
CA VAL A 70 -10.37 6.32 -2.34
C VAL A 70 -11.02 7.66 -1.99
N PRO A 71 -12.29 7.80 -2.26
CA PRO A 71 -13.05 9.06 -1.98
C PRO A 71 -12.68 9.68 -0.63
N GLY A 72 -11.99 10.81 -0.68
CA GLY A 72 -11.56 11.50 0.54
C GLY A 72 -10.04 11.58 0.61
N VAL A 73 -9.37 10.90 -0.31
CA VAL A 73 -7.90 10.90 -0.35
C VAL A 73 -7.38 12.27 -0.71
N ILE A 74 -6.21 12.60 -0.17
CA ILE A 74 -5.58 13.89 -0.43
C ILE A 74 -4.07 13.74 -0.60
N GLU A 75 -3.48 12.78 0.11
CA GLU A 75 -2.03 12.55 0.03
C GLU A 75 -1.65 11.22 0.67
N VAL A 76 -1.30 10.23 -0.16
CA VAL A 76 -0.90 8.91 0.34
C VAL A 76 0.60 8.89 0.61
N GLU A 77 1.09 7.82 1.23
CA GLU A 77 2.52 7.72 1.52
C GLU A 77 3.00 6.29 1.35
N GLN A 78 3.91 6.11 0.39
CA GLN A 78 4.49 4.80 0.12
C GLN A 78 5.96 4.80 0.49
N VAL A 79 6.25 4.45 1.74
CA VAL A 79 7.63 4.42 2.22
C VAL A 79 8.23 3.02 2.06
N PHE A 80 9.54 2.97 1.93
CA PHE A 80 10.24 1.70 1.77
C PHE A 80 10.76 1.22 3.13
N LEU A 81 11.43 0.06 3.12
CA LEU A 81 11.97 -0.48 4.36
C LEU A 81 13.16 0.36 4.82
N GLU A 82 12.88 1.53 5.37
CA GLU A 82 13.92 2.43 5.86
C GLU A 82 14.83 1.70 6.84
N HIS A 83 16.01 2.26 7.06
CA HIS A 83 16.98 1.66 7.96
C HIS A 83 16.54 1.86 9.42
N HIS A 84 16.38 3.12 9.81
CA HIS A 84 15.97 3.46 11.18
C HIS A 84 17.02 2.98 12.19
N HIS A 85 17.28 3.80 13.19
CA HIS A 85 18.26 3.45 14.21
C HIS A 85 18.11 4.34 15.43
N HIS A 86 18.17 3.73 16.61
CA HIS A 86 18.03 4.47 17.87
C HIS A 86 19.34 4.44 18.66
N HIS A 87 20.23 5.37 18.33
CA HIS A 87 21.52 5.46 19.02
C HIS A 87 21.31 5.89 20.47
N HIS A 88 22.39 6.34 21.10
CA HIS A 88 22.32 6.79 22.50
C HIS A 88 21.84 8.25 22.56
N MET A 1 -25.34 9.08 11.13
CA MET A 1 -25.10 7.66 11.53
C MET A 1 -23.69 7.25 11.12
N PRO A 2 -22.69 7.76 11.80
CA PRO A 2 -21.27 7.44 11.50
C PRO A 2 -20.89 6.03 11.97
N THR A 3 -20.54 5.91 13.25
CA THR A 3 -20.15 4.61 13.83
C THR A 3 -18.89 4.09 13.16
N GLU A 4 -18.07 3.38 13.93
CA GLU A 4 -16.83 2.82 13.39
C GLU A 4 -17.12 2.09 12.08
N ASN A 5 -18.23 1.33 12.06
CA ASN A 5 -18.62 0.61 10.84
C ASN A 5 -17.40 -0.06 10.20
N PRO A 6 -17.48 -0.53 8.97
CA PRO A 6 -16.29 -1.13 8.33
C PRO A 6 -15.26 -0.05 8.06
N THR A 7 -14.45 0.23 9.08
CA THR A 7 -13.45 1.29 8.99
C THR A 7 -12.42 0.97 7.90
N MET A 8 -11.60 1.96 7.57
CA MET A 8 -10.58 1.78 6.54
C MET A 8 -9.80 0.48 6.77
N PHE A 9 -9.25 0.33 7.98
CA PHE A 9 -8.49 -0.87 8.33
C PHE A 9 -9.17 -2.13 7.78
N ASP A 10 -10.48 -2.16 7.89
CA ASP A 10 -11.26 -3.31 7.41
C ASP A 10 -11.06 -3.50 5.90
N GLN A 11 -11.44 -2.48 5.14
CA GLN A 11 -11.32 -2.51 3.68
C GLN A 11 -9.90 -2.74 3.22
N VAL A 12 -9.00 -1.85 3.64
CA VAL A 12 -7.61 -1.96 3.25
C VAL A 12 -7.08 -3.34 3.53
N ALA A 13 -7.14 -3.75 4.78
CA ALA A 13 -6.67 -5.06 5.16
C ALA A 13 -7.33 -6.12 4.28
N GLU A 14 -8.63 -5.94 4.03
CA GLU A 14 -9.38 -6.88 3.20
C GLU A 14 -8.85 -6.91 1.77
N VAL A 15 -8.86 -5.75 1.12
CA VAL A 15 -8.40 -5.64 -0.26
C VAL A 15 -6.93 -6.08 -0.38
N ILE A 16 -6.07 -5.49 0.44
CA ILE A 16 -4.65 -5.82 0.42
C ILE A 16 -4.43 -7.32 0.61
N GLU A 17 -5.04 -7.87 1.66
CA GLU A 17 -4.92 -9.30 1.96
C GLU A 17 -5.25 -10.15 0.74
N ARG A 18 -6.27 -9.73 0.00
CA ARG A 18 -6.69 -10.47 -1.20
C ARG A 18 -5.61 -10.41 -2.28
N LEU A 19 -5.08 -9.21 -2.51
CA LEU A 19 -4.06 -9.02 -3.54
C LEU A 19 -2.69 -9.57 -3.11
N ARG A 20 -2.47 -9.66 -1.81
CA ARG A 20 -1.18 -10.14 -1.28
C ARG A 20 -0.61 -11.28 -2.15
N PRO A 21 -1.30 -12.39 -2.25
CA PRO A 21 -0.83 -13.56 -3.05
C PRO A 21 -0.30 -13.13 -4.43
N PHE A 22 -1.08 -12.30 -5.13
CA PHE A 22 -0.69 -11.83 -6.45
C PHE A 22 0.38 -10.74 -6.34
N LEU A 23 0.16 -9.81 -5.42
CA LEU A 23 1.09 -8.71 -5.21
C LEU A 23 2.47 -9.27 -4.85
N LEU A 24 2.50 -10.12 -3.83
CA LEU A 24 3.75 -10.71 -3.37
C LEU A 24 4.55 -11.26 -4.55
N ARG A 25 3.87 -11.95 -5.45
CA ARG A 25 4.53 -12.53 -6.61
C ARG A 25 5.28 -11.46 -7.41
N ASP A 26 4.54 -10.47 -7.93
CA ASP A 26 5.15 -9.42 -8.74
C ASP A 26 5.33 -8.09 -7.99
N GLY A 27 4.24 -7.59 -7.40
CA GLY A 27 4.28 -6.29 -6.71
C GLY A 27 4.83 -6.36 -5.29
N GLY A 28 5.32 -7.53 -4.87
CA GLY A 28 5.84 -7.68 -3.51
C GLY A 28 4.72 -7.53 -2.48
N ASP A 29 5.10 -7.22 -1.25
CA ASP A 29 4.10 -7.07 -0.18
C ASP A 29 4.19 -5.69 0.47
N CYS A 30 3.03 -5.16 0.87
CA CYS A 30 2.95 -3.86 1.52
C CYS A 30 2.43 -4.01 2.94
N THR A 31 2.50 -2.93 3.73
CA THR A 31 2.03 -2.98 5.11
C THR A 31 1.54 -1.62 5.59
N LEU A 32 0.29 -1.58 6.05
CA LEU A 32 -0.30 -0.34 6.54
C LEU A 32 0.30 -0.03 7.92
N VAL A 33 1.11 1.01 7.99
CA VAL A 33 1.76 1.40 9.24
C VAL A 33 0.87 2.32 10.07
N ASP A 34 0.04 3.13 9.41
CA ASP A 34 -0.84 4.04 10.12
C ASP A 34 -1.93 4.60 9.21
N VAL A 35 -3.14 4.70 9.76
CA VAL A 35 -4.28 5.24 9.02
C VAL A 35 -4.64 6.62 9.54
N GLU A 36 -4.94 7.54 8.62
CA GLU A 36 -5.28 8.91 9.00
C GLU A 36 -6.16 9.56 7.94
N ASP A 37 -7.47 9.32 8.05
CA ASP A 37 -8.43 9.89 7.11
C ASP A 37 -8.08 9.48 5.68
N GLY A 38 -7.21 10.26 5.03
CA GLY A 38 -6.79 9.98 3.66
C GLY A 38 -5.27 9.90 3.57
N ILE A 39 -4.59 10.40 4.61
CA ILE A 39 -3.14 10.38 4.65
C ILE A 39 -2.65 9.06 5.24
N VAL A 40 -2.97 7.97 4.55
CA VAL A 40 -2.58 6.64 5.01
C VAL A 40 -1.13 6.33 4.63
N LYS A 41 -0.31 6.06 5.63
CA LYS A 41 1.09 5.73 5.41
C LYS A 41 1.22 4.24 5.10
N LEU A 42 2.24 3.88 4.34
CA LEU A 42 2.44 2.48 3.97
C LEU A 42 3.93 2.11 3.99
N GLN A 43 4.21 0.83 3.85
CA GLN A 43 5.58 0.33 3.84
C GLN A 43 5.68 -0.87 2.90
N LEU A 44 6.54 -0.77 1.90
CA LEU A 44 6.72 -1.84 0.93
C LEU A 44 7.69 -2.89 1.45
N HIS A 45 7.65 -4.07 0.84
CA HIS A 45 8.53 -5.18 1.24
C HIS A 45 8.71 -6.15 0.08
N GLY A 46 9.57 -5.76 -0.87
CA GLY A 46 9.85 -6.60 -2.03
C GLY A 46 11.31 -6.47 -2.45
N ALA A 47 12.20 -6.65 -1.49
CA ALA A 47 13.64 -6.56 -1.74
C ALA A 47 14.03 -5.13 -2.08
N CYS A 48 14.55 -4.41 -1.09
CA CYS A 48 14.97 -3.02 -1.28
C CYS A 48 15.91 -2.90 -2.46
N GLY A 49 16.75 -3.91 -2.66
CA GLY A 49 17.70 -3.92 -3.77
C GLY A 49 18.63 -2.70 -3.69
N THR A 50 18.58 -1.87 -4.74
CA THR A 50 19.41 -0.67 -4.79
C THR A 50 18.75 0.39 -5.66
N CYS A 51 18.11 -0.05 -6.74
CA CYS A 51 17.44 0.87 -7.65
C CYS A 51 16.26 0.19 -8.35
N PRO A 52 15.41 -0.48 -7.59
CA PRO A 52 14.23 -1.19 -8.14
C PRO A 52 13.45 -0.33 -9.14
N SER A 53 13.46 -0.73 -10.41
CA SER A 53 12.76 0.01 -11.45
C SER A 53 11.33 -0.48 -11.58
N SER A 54 11.08 -1.70 -11.12
CA SER A 54 9.74 -2.28 -11.20
C SER A 54 8.85 -1.76 -10.07
N THR A 55 9.41 -1.65 -8.87
CA THR A 55 8.66 -1.16 -7.72
C THR A 55 8.08 0.22 -7.99
N ILE A 56 8.88 1.09 -8.58
CA ILE A 56 8.44 2.45 -8.89
C ILE A 56 7.22 2.42 -9.81
N THR A 57 7.29 1.59 -10.84
CA THR A 57 6.19 1.46 -11.79
C THR A 57 4.95 0.90 -11.10
N LEU A 58 5.16 -0.15 -10.30
CA LEU A 58 4.06 -0.78 -9.58
C LEU A 58 3.34 0.24 -8.70
N LYS A 59 4.10 0.89 -7.83
CA LYS A 59 3.54 1.89 -6.92
C LYS A 59 2.62 2.86 -7.67
N ALA A 60 3.16 3.47 -8.72
CA ALA A 60 2.38 4.42 -9.53
C ALA A 60 1.16 3.74 -10.13
N GLY A 61 1.25 2.43 -10.34
CA GLY A 61 0.15 1.66 -10.91
C GLY A 61 -1.04 1.64 -9.96
N ILE A 62 -0.77 1.25 -8.71
CA ILE A 62 -1.82 1.18 -7.70
C ILE A 62 -2.40 2.57 -7.46
N GLU A 63 -1.53 3.54 -7.17
CA GLU A 63 -1.96 4.91 -6.93
C GLU A 63 -3.02 5.35 -7.94
N ARG A 64 -2.66 5.32 -9.22
CA ARG A 64 -3.57 5.73 -10.28
C ARG A 64 -4.89 4.97 -10.18
N ALA A 65 -4.81 3.64 -10.08
CA ALA A 65 -6.00 2.80 -9.97
C ALA A 65 -6.83 3.21 -8.76
N LEU A 66 -6.15 3.40 -7.62
CA LEU A 66 -6.82 3.79 -6.39
C LEU A 66 -7.59 5.09 -6.56
N HIS A 67 -6.89 6.12 -7.04
CA HIS A 67 -7.50 7.44 -7.26
C HIS A 67 -8.73 7.32 -8.15
N GLU A 68 -8.63 6.49 -9.19
CA GLU A 68 -9.73 6.30 -10.12
C GLU A 68 -10.92 5.65 -9.42
N GLU A 69 -10.65 4.57 -8.68
CA GLU A 69 -11.70 3.85 -7.98
C GLU A 69 -12.06 4.52 -6.66
N VAL A 70 -11.27 5.53 -6.27
CA VAL A 70 -11.50 6.24 -5.02
C VAL A 70 -10.95 7.67 -5.12
N PRO A 71 -11.59 8.51 -5.89
CA PRO A 71 -11.16 9.92 -6.08
C PRO A 71 -11.54 10.79 -4.88
N GLY A 72 -10.55 11.48 -4.31
CA GLY A 72 -10.79 12.34 -3.17
C GLY A 72 -9.66 12.24 -2.15
N VAL A 73 -8.65 11.42 -2.44
CA VAL A 73 -7.51 11.26 -1.55
C VAL A 73 -6.77 12.57 -1.39
N ILE A 74 -6.10 12.72 -0.26
CA ILE A 74 -5.35 13.93 0.02
C ILE A 74 -3.87 13.74 -0.31
N GLU A 75 -3.22 12.82 0.40
CA GLU A 75 -1.81 12.55 0.16
C GLU A 75 -1.40 11.23 0.81
N VAL A 76 -1.18 10.22 -0.01
CA VAL A 76 -0.78 8.90 0.47
C VAL A 76 0.74 8.88 0.69
N GLU A 77 1.22 7.85 1.38
CA GLU A 77 2.65 7.72 1.65
C GLU A 77 3.07 6.26 1.61
N GLN A 78 4.11 5.98 0.82
CA GLN A 78 4.64 4.63 0.68
C GLN A 78 6.15 4.65 0.80
N VAL A 79 6.64 4.55 2.03
CA VAL A 79 8.09 4.57 2.28
C VAL A 79 8.69 3.17 2.12
N PHE A 80 10.02 3.12 2.08
CA PHE A 80 10.73 1.85 1.92
C PHE A 80 11.10 1.26 3.28
N LEU A 81 11.76 0.11 3.24
CA LEU A 81 12.17 -0.57 4.47
C LEU A 81 13.55 -0.06 4.91
N GLU A 82 14.18 0.72 4.04
CA GLU A 82 15.49 1.28 4.35
C GLU A 82 15.34 2.71 4.89
N HIS A 83 14.13 3.24 4.78
CA HIS A 83 13.84 4.59 5.27
C HIS A 83 13.09 4.53 6.59
N HIS A 84 13.81 4.24 7.67
CA HIS A 84 13.19 4.15 9.00
C HIS A 84 12.52 5.47 9.34
N HIS A 85 11.54 5.42 10.25
CA HIS A 85 10.82 6.62 10.65
C HIS A 85 10.93 6.85 12.15
N HIS A 86 11.16 5.77 12.90
CA HIS A 86 11.28 5.87 14.35
C HIS A 86 10.07 6.61 14.94
N HIS A 87 10.20 7.93 15.10
CA HIS A 87 9.13 8.74 15.65
C HIS A 87 8.62 8.16 16.97
N HIS A 88 7.33 7.79 16.99
CA HIS A 88 6.74 7.21 18.20
C HIS A 88 7.41 5.90 18.56
N MET A 1 -20.01 1.44 9.41
CA MET A 1 -20.56 0.06 9.38
C MET A 1 -20.95 -0.36 10.79
N PRO A 2 -21.87 -1.30 10.91
CA PRO A 2 -22.37 -1.80 12.23
C PRO A 2 -21.22 -2.08 13.21
N THR A 3 -21.51 -1.91 14.51
CA THR A 3 -20.50 -2.14 15.54
C THR A 3 -19.30 -1.21 15.35
N GLU A 4 -18.35 -1.24 16.28
CA GLU A 4 -17.18 -0.39 16.19
C GLU A 4 -15.90 -1.24 16.18
N ASN A 5 -16.05 -2.50 15.84
CA ASN A 5 -14.89 -3.42 15.77
C ASN A 5 -14.54 -3.73 14.32
N PRO A 6 -15.52 -4.04 13.49
CA PRO A 6 -15.28 -4.32 12.04
C PRO A 6 -15.08 -3.02 11.26
N THR A 7 -14.23 -2.16 11.79
CA THR A 7 -13.94 -0.87 11.17
C THR A 7 -13.16 -1.06 9.88
N MET A 8 -12.85 0.06 9.20
CA MET A 8 -12.11 0.01 7.94
C MET A 8 -10.89 -0.89 8.07
N PHE A 9 -10.09 -0.65 9.10
CA PHE A 9 -8.89 -1.45 9.34
C PHE A 9 -9.16 -2.93 9.06
N ASP A 10 -10.30 -3.42 9.56
CA ASP A 10 -10.68 -4.82 9.35
C ASP A 10 -10.74 -5.16 7.87
N GLN A 11 -11.54 -4.40 7.13
CA GLN A 11 -11.71 -4.62 5.70
C GLN A 11 -10.39 -4.55 4.95
N VAL A 12 -9.79 -3.37 4.94
CA VAL A 12 -8.53 -3.19 4.24
C VAL A 12 -7.55 -4.28 4.63
N ALA A 13 -7.35 -4.44 5.93
CA ALA A 13 -6.45 -5.48 6.41
C ALA A 13 -6.83 -6.81 5.79
N GLU A 14 -8.13 -7.12 5.81
CA GLU A 14 -8.62 -8.36 5.24
C GLU A 14 -8.41 -8.40 3.73
N VAL A 15 -8.91 -7.37 3.06
CA VAL A 15 -8.80 -7.27 1.60
C VAL A 15 -7.34 -7.33 1.15
N ILE A 16 -6.50 -6.51 1.79
CA ILE A 16 -5.07 -6.48 1.45
C ILE A 16 -4.49 -7.88 1.53
N GLU A 17 -4.54 -8.47 2.71
CA GLU A 17 -4.02 -9.83 2.92
C GLU A 17 -4.64 -10.80 1.93
N ARG A 18 -5.92 -10.58 1.61
CA ARG A 18 -6.63 -11.44 0.67
C ARG A 18 -6.03 -11.32 -0.73
N LEU A 19 -5.90 -10.08 -1.20
CA LEU A 19 -5.35 -9.83 -2.53
C LEU A 19 -3.82 -9.95 -2.55
N ARG A 20 -3.19 -9.82 -1.38
CA ARG A 20 -1.73 -9.90 -1.28
C ARG A 20 -1.15 -10.96 -2.22
N PRO A 21 -1.62 -12.19 -2.15
CA PRO A 21 -1.13 -13.30 -3.02
C PRO A 21 -0.93 -12.85 -4.47
N PHE A 22 -1.81 -12.00 -4.95
CA PHE A 22 -1.71 -11.49 -6.32
C PHE A 22 -0.64 -10.41 -6.41
N LEU A 23 -0.69 -9.46 -5.48
CA LEU A 23 0.28 -8.37 -5.45
C LEU A 23 1.70 -8.90 -5.28
N LEU A 24 1.87 -9.87 -4.37
CA LEU A 24 3.18 -10.45 -4.12
C LEU A 24 3.80 -10.99 -5.41
N ARG A 25 3.09 -11.90 -6.06
CA ARG A 25 3.56 -12.51 -7.30
C ARG A 25 3.87 -11.48 -8.39
N ASP A 26 3.11 -10.39 -8.43
CA ASP A 26 3.33 -9.37 -9.46
C ASP A 26 4.13 -8.18 -8.95
N GLY A 27 3.63 -7.53 -7.90
CA GLY A 27 4.31 -6.36 -7.33
C GLY A 27 5.16 -6.76 -6.13
N GLY A 28 4.51 -7.01 -5.01
CA GLY A 28 5.20 -7.41 -3.79
C GLY A 28 4.25 -7.40 -2.60
N ASP A 29 4.78 -7.11 -1.42
CA ASP A 29 3.96 -7.07 -0.20
C ASP A 29 3.70 -5.63 0.22
N CYS A 30 2.43 -5.33 0.51
CA CYS A 30 2.05 -3.99 0.93
C CYS A 30 1.45 -4.02 2.34
N THR A 31 1.55 -2.90 3.05
CA THR A 31 1.01 -2.82 4.39
C THR A 31 0.56 -1.40 4.72
N LEU A 32 -0.71 -1.27 5.11
CA LEU A 32 -1.26 0.04 5.46
C LEU A 32 -0.74 0.47 6.83
N VAL A 33 -0.09 1.63 6.86
CA VAL A 33 0.46 2.14 8.11
C VAL A 33 -0.57 3.00 8.84
N ASP A 34 -1.47 3.63 8.09
CA ASP A 34 -2.51 4.48 8.69
C ASP A 34 -3.63 4.73 7.68
N VAL A 35 -4.86 4.48 8.11
CA VAL A 35 -6.03 4.70 7.26
C VAL A 35 -6.59 6.09 7.51
N GLU A 36 -6.66 6.90 6.44
CA GLU A 36 -7.18 8.25 6.54
C GLU A 36 -8.03 8.59 5.32
N ASP A 37 -8.80 9.67 5.42
CA ASP A 37 -9.66 10.08 4.32
C ASP A 37 -8.89 10.09 3.00
N GLY A 38 -7.78 10.82 2.97
CA GLY A 38 -6.96 10.90 1.76
C GLY A 38 -5.47 10.75 2.08
N ILE A 39 -5.10 11.03 3.33
CA ILE A 39 -3.70 10.93 3.75
C ILE A 39 -3.39 9.51 4.21
N VAL A 40 -3.56 8.55 3.32
CA VAL A 40 -3.32 7.15 3.65
C VAL A 40 -1.83 6.80 3.50
N LYS A 41 -1.24 6.31 4.58
CA LYS A 41 0.16 5.92 4.58
C LYS A 41 0.28 4.46 4.15
N LEU A 42 1.33 4.15 3.40
CA LEU A 42 1.55 2.79 2.92
C LEU A 42 3.01 2.39 3.08
N GLN A 43 3.26 1.08 3.02
CA GLN A 43 4.62 0.55 3.15
C GLN A 43 4.77 -0.70 2.31
N LEU A 44 5.66 -0.64 1.32
CA LEU A 44 5.88 -1.77 0.43
C LEU A 44 6.89 -2.75 1.05
N HIS A 45 7.02 -3.91 0.41
CA HIS A 45 7.93 -4.94 0.88
C HIS A 45 8.30 -5.88 -0.26
N GLY A 46 9.30 -5.48 -1.05
CA GLY A 46 9.74 -6.28 -2.18
C GLY A 46 10.89 -7.20 -1.78
N ALA A 47 11.35 -7.06 -0.53
CA ALA A 47 12.45 -7.88 -0.02
C ALA A 47 13.67 -7.77 -0.94
N CYS A 48 13.75 -6.67 -1.69
CA CYS A 48 14.87 -6.46 -2.61
C CYS A 48 15.32 -5.00 -2.57
N GLY A 49 15.32 -4.42 -1.37
CA GLY A 49 15.74 -3.02 -1.21
C GLY A 49 17.21 -2.87 -1.54
N THR A 50 17.53 -2.93 -2.84
CA THR A 50 18.91 -2.80 -3.29
C THR A 50 18.97 -1.90 -4.53
N CYS A 51 18.19 -2.26 -5.54
CA CYS A 51 18.15 -1.50 -6.79
C CYS A 51 16.83 -1.73 -7.51
N PRO A 52 15.73 -1.65 -6.81
CA PRO A 52 14.37 -1.85 -7.39
C PRO A 52 14.18 -1.11 -8.70
N SER A 53 14.20 -1.85 -9.80
CA SER A 53 14.03 -1.26 -11.12
C SER A 53 12.57 -1.41 -11.58
N SER A 54 11.92 -2.46 -11.08
CA SER A 54 10.52 -2.72 -11.44
C SER A 54 9.57 -2.02 -10.46
N THR A 55 9.99 -1.90 -9.21
CA THR A 55 9.16 -1.25 -8.20
C THR A 55 8.86 0.19 -8.58
N ILE A 56 9.79 0.81 -9.32
CA ILE A 56 9.62 2.19 -9.75
C ILE A 56 8.33 2.34 -10.58
N THR A 57 8.24 1.57 -11.66
CA THR A 57 7.07 1.62 -12.53
C THR A 57 5.82 1.19 -11.77
N LEU A 58 5.92 0.10 -11.03
CA LEU A 58 4.80 -0.41 -10.26
C LEU A 58 4.31 0.66 -9.28
N LYS A 59 5.21 1.12 -8.41
CA LYS A 59 4.88 2.15 -7.42
C LYS A 59 4.09 3.28 -8.06
N ALA A 60 4.68 3.89 -9.09
CA ALA A 60 4.03 5.00 -9.79
C ALA A 60 2.71 4.54 -10.40
N GLY A 61 2.62 3.25 -10.70
CA GLY A 61 1.41 2.68 -11.28
C GLY A 61 0.28 2.68 -10.27
N ILE A 62 0.58 2.20 -9.07
CA ILE A 62 -0.41 2.15 -7.99
C ILE A 62 -0.86 3.56 -7.62
N GLU A 63 0.12 4.43 -7.31
CA GLU A 63 -0.18 5.81 -6.95
C GLU A 63 -1.24 6.41 -7.87
N ARG A 64 -0.92 6.45 -9.16
CA ARG A 64 -1.85 6.98 -10.16
C ARG A 64 -3.18 6.24 -10.10
N ALA A 65 -3.10 4.92 -9.87
CA ALA A 65 -4.30 4.09 -9.78
C ALA A 65 -5.21 4.58 -8.66
N LEU A 66 -4.63 4.77 -7.48
CA LEU A 66 -5.38 5.23 -6.32
C LEU A 66 -6.08 6.55 -6.62
N HIS A 67 -5.31 7.50 -7.15
CA HIS A 67 -5.84 8.82 -7.49
C HIS A 67 -7.05 8.70 -8.42
N GLU A 68 -6.88 7.98 -9.52
CA GLU A 68 -7.97 7.80 -10.49
C GLU A 68 -9.10 6.99 -9.86
N GLU A 69 -8.76 6.18 -8.86
CA GLU A 69 -9.76 5.35 -8.19
C GLU A 69 -10.48 6.13 -7.10
N VAL A 70 -9.95 7.32 -6.79
CA VAL A 70 -10.56 8.16 -5.75
C VAL A 70 -10.21 9.63 -5.96
N PRO A 71 -10.49 10.16 -7.12
CA PRO A 71 -10.21 11.60 -7.45
C PRO A 71 -10.61 12.54 -6.33
N GLY A 72 -9.65 13.34 -5.87
CA GLY A 72 -9.88 14.28 -4.78
C GLY A 72 -8.92 14.03 -3.63
N VAL A 73 -7.85 13.29 -3.92
CA VAL A 73 -6.85 12.96 -2.92
C VAL A 73 -6.12 14.22 -2.44
N ILE A 74 -5.59 14.14 -1.23
CA ILE A 74 -4.87 15.25 -0.62
C ILE A 74 -3.37 15.01 -0.71
N GLU A 75 -2.90 13.94 -0.08
CA GLU A 75 -1.48 13.60 -0.09
C GLU A 75 -1.26 12.17 0.39
N VAL A 76 -0.97 11.27 -0.57
CA VAL A 76 -0.73 9.87 -0.23
C VAL A 76 0.75 9.68 0.08
N GLU A 77 1.08 8.59 0.76
CA GLU A 77 2.47 8.32 1.12
C GLU A 77 2.75 6.83 1.08
N GLN A 78 3.76 6.45 0.30
CA GLN A 78 4.16 5.06 0.18
C GLN A 78 5.65 4.91 0.44
N VAL A 79 6.01 4.74 1.70
CA VAL A 79 7.42 4.61 2.09
C VAL A 79 7.87 3.16 1.97
N PHE A 80 9.17 2.95 2.17
CA PHE A 80 9.76 1.61 2.09
C PHE A 80 9.85 0.98 3.48
N LEU A 81 10.38 -0.24 3.53
CA LEU A 81 10.52 -0.96 4.80
C LEU A 81 11.52 -0.27 5.74
N GLU A 82 12.08 0.85 5.28
CA GLU A 82 13.03 1.60 6.10
C GLU A 82 12.35 2.13 7.36
N HIS A 83 13.07 2.05 8.48
CA HIS A 83 12.53 2.51 9.77
C HIS A 83 13.59 3.26 10.57
N HIS A 84 14.67 3.63 9.90
CA HIS A 84 15.77 4.34 10.56
C HIS A 84 16.29 5.45 9.64
N HIS A 85 15.58 6.57 9.61
CA HIS A 85 15.99 7.70 8.78
C HIS A 85 16.93 8.62 9.57
N HIS A 86 16.78 9.94 9.39
CA HIS A 86 17.63 10.90 10.09
C HIS A 86 19.11 10.50 9.94
N HIS A 87 19.83 10.47 11.06
CA HIS A 87 21.25 10.13 11.06
C HIS A 87 21.66 9.56 12.41
N HIS A 88 21.62 10.42 13.43
CA HIS A 88 21.97 10.00 14.79
C HIS A 88 20.83 10.31 15.76
N MET A 1 -28.05 5.14 15.72
CA MET A 1 -26.84 4.30 15.94
C MET A 1 -26.67 3.33 14.77
N PRO A 2 -26.18 3.81 13.65
CA PRO A 2 -25.97 2.97 12.44
C PRO A 2 -24.75 2.06 12.59
N THR A 3 -24.37 1.41 11.49
CA THR A 3 -23.22 0.51 11.50
C THR A 3 -21.92 1.30 11.72
N GLU A 4 -21.13 1.40 10.66
CA GLU A 4 -19.87 2.11 10.69
C GLU A 4 -18.90 1.46 11.66
N ASN A 5 -19.27 0.30 12.21
CA ASN A 5 -18.41 -0.41 13.14
C ASN A 5 -17.13 -0.84 12.43
N PRO A 6 -17.23 -1.43 11.27
CA PRO A 6 -16.05 -1.88 10.48
C PRO A 6 -15.42 -0.70 9.74
N THR A 7 -14.41 -0.10 10.36
CA THR A 7 -13.73 1.04 9.75
C THR A 7 -12.85 0.61 8.59
N MET A 8 -12.10 1.55 8.03
CA MET A 8 -11.21 1.25 6.92
C MET A 8 -10.32 0.07 7.27
N PHE A 9 -9.71 0.13 8.45
CA PHE A 9 -8.83 -0.95 8.93
C PHE A 9 -9.41 -2.32 8.57
N ASP A 10 -10.71 -2.46 8.75
CA ASP A 10 -11.40 -3.70 8.45
C ASP A 10 -11.27 -4.06 6.97
N GLN A 11 -11.74 -3.16 6.10
CA GLN A 11 -11.70 -3.39 4.65
C GLN A 11 -10.27 -3.56 4.16
N VAL A 12 -9.46 -2.53 4.35
CA VAL A 12 -8.09 -2.56 3.90
C VAL A 12 -7.42 -3.88 4.28
N ALA A 13 -7.34 -4.15 5.56
CA ALA A 13 -6.74 -5.37 6.00
C ALA A 13 -7.38 -6.56 5.29
N GLU A 14 -8.70 -6.52 5.17
CA GLU A 14 -9.45 -7.59 4.51
C GLU A 14 -9.09 -7.72 3.03
N VAL A 15 -9.36 -6.65 2.27
CA VAL A 15 -9.11 -6.66 0.83
C VAL A 15 -7.63 -6.86 0.52
N ILE A 16 -6.75 -6.15 1.24
CA ILE A 16 -5.32 -6.29 1.00
C ILE A 16 -4.89 -7.75 1.15
N GLU A 17 -5.26 -8.37 2.27
CA GLU A 17 -4.91 -9.76 2.51
C GLU A 17 -5.41 -10.65 1.36
N ARG A 18 -6.59 -10.32 0.83
CA ARG A 18 -7.17 -11.10 -0.26
C ARG A 18 -6.33 -10.94 -1.53
N LEU A 19 -6.07 -9.68 -1.91
CA LEU A 19 -5.29 -9.37 -3.10
C LEU A 19 -3.80 -9.61 -2.86
N ARG A 20 -3.41 -9.62 -1.58
CA ARG A 20 -2.00 -9.82 -1.20
C ARG A 20 -1.28 -10.77 -2.15
N PRO A 21 -1.74 -11.99 -2.30
CA PRO A 21 -1.11 -12.99 -3.21
C PRO A 21 -0.70 -12.36 -4.54
N PHE A 22 -1.50 -11.41 -5.02
CA PHE A 22 -1.21 -10.73 -6.27
C PHE A 22 -0.12 -9.69 -6.07
N LEU A 23 -0.30 -8.84 -5.06
CA LEU A 23 0.68 -7.80 -4.76
C LEU A 23 2.03 -8.45 -4.47
N LEU A 24 1.99 -9.50 -3.65
CA LEU A 24 3.22 -10.21 -3.29
C LEU A 24 3.98 -10.65 -4.53
N ARG A 25 3.26 -11.16 -5.52
CA ARG A 25 3.88 -11.62 -6.76
C ARG A 25 4.70 -10.51 -7.41
N ASP A 26 4.02 -9.43 -7.80
CA ASP A 26 4.70 -8.31 -8.46
C ASP A 26 4.98 -7.14 -7.53
N GLY A 27 3.93 -6.63 -6.88
CA GLY A 27 4.07 -5.48 -5.98
C GLY A 27 4.79 -5.83 -4.69
N GLY A 28 5.29 -7.06 -4.59
CA GLY A 28 5.99 -7.49 -3.38
C GLY A 28 5.06 -7.42 -2.17
N ASP A 29 5.65 -7.44 -0.98
CA ASP A 29 4.85 -7.38 0.24
C ASP A 29 4.61 -5.93 0.66
N CYS A 30 3.41 -5.67 1.17
CA CYS A 30 3.05 -4.32 1.62
C CYS A 30 2.51 -4.38 3.04
N THR A 31 2.58 -3.26 3.76
CA THR A 31 2.10 -3.22 5.14
C THR A 31 1.60 -1.83 5.50
N LEU A 32 0.33 -1.74 5.87
CA LEU A 32 -0.27 -0.47 6.27
C LEU A 32 0.14 -0.13 7.70
N VAL A 33 0.82 1.00 7.87
CA VAL A 33 1.29 1.40 9.19
C VAL A 33 0.29 2.33 9.88
N ASP A 34 -0.45 3.12 9.10
CA ASP A 34 -1.41 4.04 9.68
C ASP A 34 -2.38 4.58 8.62
N VAL A 35 -3.64 4.74 9.04
CA VAL A 35 -4.69 5.25 8.16
C VAL A 35 -5.09 6.67 8.60
N GLU A 36 -5.37 7.53 7.64
CA GLU A 36 -5.76 8.90 7.94
C GLU A 36 -6.43 9.57 6.75
N ASP A 37 -7.77 9.60 6.78
CA ASP A 37 -8.56 10.20 5.70
C ASP A 37 -8.10 9.70 4.34
N GLY A 38 -7.10 10.37 3.78
CA GLY A 38 -6.57 9.98 2.47
C GLY A 38 -5.05 9.83 2.51
N ILE A 39 -4.43 10.32 3.59
CA ILE A 39 -2.99 10.24 3.76
C ILE A 39 -2.60 8.92 4.40
N VAL A 40 -2.89 7.83 3.69
CA VAL A 40 -2.58 6.50 4.21
C VAL A 40 -1.10 6.18 4.00
N LYS A 41 -0.44 5.80 5.10
CA LYS A 41 0.97 5.44 5.06
C LYS A 41 1.11 3.96 4.74
N LEU A 42 2.19 3.59 4.05
CA LEU A 42 2.41 2.20 3.68
C LEU A 42 3.90 1.85 3.75
N GLN A 43 4.19 0.55 3.67
CA GLN A 43 5.57 0.08 3.72
C GLN A 43 5.75 -1.09 2.76
N LEU A 44 6.66 -0.93 1.81
CA LEU A 44 6.91 -1.98 0.82
C LEU A 44 7.92 -2.99 1.34
N HIS A 45 8.05 -4.11 0.64
CA HIS A 45 8.98 -5.17 1.01
C HIS A 45 9.25 -6.08 -0.18
N GLY A 46 10.05 -5.58 -1.12
CA GLY A 46 10.39 -6.34 -2.31
C GLY A 46 11.54 -5.66 -3.07
N ALA A 47 12.41 -5.01 -2.32
CA ALA A 47 13.55 -4.31 -2.91
C ALA A 47 14.66 -5.29 -3.27
N CYS A 48 14.40 -6.58 -3.04
CA CYS A 48 15.39 -7.61 -3.35
C CYS A 48 15.57 -7.75 -4.85
N GLY A 49 16.25 -6.77 -5.45
CA GLY A 49 16.49 -6.77 -6.89
C GLY A 49 17.46 -5.65 -7.25
N THR A 50 18.42 -5.41 -6.37
CA THR A 50 19.42 -4.36 -6.59
C THR A 50 18.77 -3.08 -7.10
N CYS A 51 18.02 -2.41 -6.22
CA CYS A 51 17.34 -1.17 -6.57
C CYS A 51 16.43 -1.38 -7.78
N PRO A 52 15.25 -1.91 -7.57
CA PRO A 52 14.27 -2.17 -8.65
C PRO A 52 13.66 -0.89 -9.20
N SER A 53 13.91 -0.63 -10.48
CA SER A 53 13.38 0.56 -11.14
C SER A 53 11.94 0.33 -11.58
N SER A 54 11.56 -0.94 -11.70
CA SER A 54 10.22 -1.31 -12.13
C SER A 54 9.23 -1.12 -10.98
N THR A 55 9.62 -1.54 -9.78
CA THR A 55 8.76 -1.42 -8.61
C THR A 55 8.26 0.03 -8.47
N ILE A 56 9.18 0.97 -8.68
CA ILE A 56 8.83 2.39 -8.58
C ILE A 56 7.75 2.73 -9.59
N THR A 57 7.93 2.25 -10.83
CA THR A 57 6.96 2.50 -11.90
C THR A 57 5.62 1.84 -11.57
N LEU A 58 5.68 0.59 -11.13
CA LEU A 58 4.46 -0.15 -10.78
C LEU A 58 3.69 0.61 -9.71
N LYS A 59 4.38 0.96 -8.63
CA LYS A 59 3.76 1.71 -7.54
C LYS A 59 3.02 2.93 -8.07
N ALA A 60 3.71 3.71 -8.90
CA ALA A 60 3.12 4.90 -9.49
C ALA A 60 1.92 4.53 -10.36
N GLY A 61 1.95 3.32 -10.93
CA GLY A 61 0.87 2.85 -11.78
C GLY A 61 -0.41 2.65 -10.96
N ILE A 62 -0.32 1.79 -9.94
CA ILE A 62 -1.47 1.52 -9.09
C ILE A 62 -1.92 2.79 -8.38
N GLU A 63 -0.96 3.56 -7.86
CA GLU A 63 -1.27 4.81 -7.17
C GLU A 63 -2.29 5.62 -7.97
N ARG A 64 -1.88 6.07 -9.16
CA ARG A 64 -2.76 6.86 -10.03
C ARG A 64 -4.07 6.12 -10.30
N ALA A 65 -3.96 4.85 -10.65
CA ALA A 65 -5.14 4.03 -10.92
C ALA A 65 -6.07 4.00 -9.72
N LEU A 66 -5.50 3.73 -8.55
CA LEU A 66 -6.28 3.67 -7.31
C LEU A 66 -7.05 4.96 -7.10
N HIS A 67 -6.38 6.10 -7.30
CA HIS A 67 -7.02 7.40 -7.13
C HIS A 67 -8.29 7.49 -7.98
N GLU A 68 -8.14 7.26 -9.28
CA GLU A 68 -9.26 7.31 -10.21
C GLU A 68 -10.24 6.17 -9.96
N GLU A 69 -9.72 5.04 -9.47
CA GLU A 69 -10.56 3.87 -9.21
C GLU A 69 -11.19 3.95 -7.82
N VAL A 70 -10.72 4.89 -7.01
CA VAL A 70 -11.25 5.07 -5.66
C VAL A 70 -11.09 6.53 -5.23
N PRO A 71 -11.65 7.43 -5.99
CA PRO A 71 -11.57 8.89 -5.70
C PRO A 71 -11.83 9.21 -4.23
N GLY A 72 -11.10 10.20 -3.71
CA GLY A 72 -11.23 10.61 -2.32
C GLY A 72 -9.86 10.84 -1.70
N VAL A 73 -8.87 10.07 -2.17
CA VAL A 73 -7.50 10.20 -1.68
C VAL A 73 -6.93 11.56 -2.03
N ILE A 74 -6.11 12.09 -1.14
CA ILE A 74 -5.50 13.39 -1.36
C ILE A 74 -3.99 13.25 -1.51
N GLU A 75 -3.44 12.22 -0.86
CA GLU A 75 -2.00 11.96 -0.92
C GLU A 75 -1.71 10.55 -0.42
N VAL A 76 -0.48 10.10 -0.58
CA VAL A 76 -0.10 8.77 -0.13
C VAL A 76 1.37 8.73 0.26
N GLU A 77 1.73 7.74 1.08
CA GLU A 77 3.11 7.61 1.53
C GLU A 77 3.50 6.13 1.61
N GLN A 78 4.49 5.74 0.80
CA GLN A 78 4.95 4.37 0.78
C GLN A 78 6.46 4.34 1.00
N VAL A 79 6.87 4.32 2.27
CA VAL A 79 8.28 4.31 2.62
C VAL A 79 8.80 2.88 2.73
N PHE A 80 10.10 2.76 3.01
CA PHE A 80 10.74 1.45 3.15
C PHE A 80 11.11 1.21 4.62
N LEU A 81 11.00 -0.05 5.05
CA LEU A 81 11.33 -0.40 6.42
C LEU A 81 12.84 -0.29 6.67
N GLU A 82 13.33 0.95 6.79
CA GLU A 82 14.75 1.19 7.01
C GLU A 82 15.61 0.40 6.02
N HIS A 83 15.46 0.72 4.74
CA HIS A 83 16.22 0.04 3.70
C HIS A 83 17.48 0.83 3.36
N HIS A 84 18.44 0.84 4.29
CA HIS A 84 19.70 1.55 4.08
C HIS A 84 20.79 0.93 4.94
N HIS A 85 20.56 0.88 6.25
CA HIS A 85 21.52 0.30 7.18
C HIS A 85 21.20 -1.18 7.40
N HIS A 86 21.64 -1.72 8.53
CA HIS A 86 21.39 -3.12 8.86
C HIS A 86 21.10 -3.28 10.34
N HIS A 87 21.14 -4.53 10.81
CA HIS A 87 20.88 -4.81 12.22
C HIS A 87 22.16 -4.69 13.04
N HIS A 88 23.29 -4.51 12.34
CA HIS A 88 24.59 -4.38 12.99
C HIS A 88 24.91 -5.62 13.81
N MET A 1 -28.01 4.29 12.80
CA MET A 1 -27.14 4.16 13.99
C MET A 1 -26.82 2.68 14.23
N PRO A 2 -25.92 2.14 13.45
CA PRO A 2 -25.51 0.71 13.57
C PRO A 2 -24.61 0.48 14.78
N THR A 3 -23.30 0.64 14.58
CA THR A 3 -22.33 0.46 15.66
C THR A 3 -21.00 1.13 15.30
N GLU A 4 -20.64 1.07 14.02
CA GLU A 4 -19.39 1.66 13.54
C GLU A 4 -18.19 0.99 14.22
N ASN A 5 -18.45 -0.17 14.84
CA ASN A 5 -17.38 -0.92 15.51
C ASN A 5 -16.27 -1.25 14.52
N PRO A 6 -16.60 -1.80 13.37
CA PRO A 6 -15.60 -2.14 12.33
C PRO A 6 -15.15 -0.89 11.58
N THR A 7 -14.09 -0.26 12.06
CA THR A 7 -13.57 0.95 11.44
C THR A 7 -12.82 0.62 10.15
N MET A 8 -12.14 1.63 9.59
CA MET A 8 -11.38 1.45 8.36
C MET A 8 -10.43 0.26 8.48
N PHE A 9 -9.73 0.19 9.61
CA PHE A 9 -8.77 -0.90 9.86
C PHE A 9 -9.34 -2.25 9.40
N ASP A 10 -10.65 -2.43 9.58
CA ASP A 10 -11.30 -3.66 9.18
C ASP A 10 -11.14 -3.92 7.68
N GLN A 11 -11.70 -3.01 6.88
CA GLN A 11 -11.65 -3.13 5.42
C GLN A 11 -10.23 -3.14 4.89
N VAL A 12 -9.44 -2.15 5.27
CA VAL A 12 -8.07 -2.10 4.79
C VAL A 12 -7.38 -3.41 5.03
N ALA A 13 -7.29 -3.82 6.29
CA ALA A 13 -6.66 -5.08 6.61
C ALA A 13 -7.27 -6.20 5.77
N GLU A 14 -8.58 -6.12 5.56
CA GLU A 14 -9.31 -7.12 4.79
C GLU A 14 -8.81 -7.18 3.35
N VAL A 15 -8.93 -6.06 2.63
CA VAL A 15 -8.50 -6.03 1.22
C VAL A 15 -7.05 -6.46 1.05
N ILE A 16 -6.16 -5.97 1.92
CA ILE A 16 -4.75 -6.34 1.83
C ILE A 16 -4.61 -7.86 1.82
N GLU A 17 -5.28 -8.52 2.76
CA GLU A 17 -5.24 -9.98 2.85
C GLU A 17 -5.61 -10.62 1.52
N ARG A 18 -6.69 -10.11 0.91
CA ARG A 18 -7.15 -10.63 -0.37
C ARG A 18 -6.18 -10.30 -1.50
N LEU A 19 -5.58 -9.11 -1.44
CA LEU A 19 -4.65 -8.67 -2.46
C LEU A 19 -3.30 -9.40 -2.35
N ARG A 20 -2.92 -9.73 -1.13
CA ARG A 20 -1.64 -10.42 -0.89
C ARG A 20 -1.39 -11.53 -1.91
N PRO A 21 -2.22 -12.55 -1.94
CA PRO A 21 -2.07 -13.70 -2.89
C PRO A 21 -1.76 -13.25 -4.32
N PHE A 22 -2.38 -12.14 -4.75
CA PHE A 22 -2.16 -11.64 -6.10
C PHE A 22 -0.80 -10.96 -6.21
N LEU A 23 -0.60 -9.91 -5.41
CA LEU A 23 0.67 -9.19 -5.43
C LEU A 23 1.81 -10.15 -5.10
N LEU A 24 1.60 -10.96 -4.07
CA LEU A 24 2.61 -11.94 -3.65
C LEU A 24 3.08 -12.76 -4.84
N ARG A 25 2.13 -13.15 -5.68
CA ARG A 25 2.44 -13.93 -6.85
C ARG A 25 3.43 -13.22 -7.77
N ASP A 26 3.10 -11.98 -8.17
CA ASP A 26 3.99 -11.23 -9.07
C ASP A 26 4.84 -10.19 -8.34
N GLY A 27 4.21 -9.24 -7.66
CA GLY A 27 4.95 -8.19 -6.96
C GLY A 27 5.49 -8.66 -5.62
N GLY A 28 4.62 -8.73 -4.62
CA GLY A 28 5.02 -9.18 -3.28
C GLY A 28 3.91 -8.94 -2.27
N ASP A 29 4.29 -8.56 -1.06
CA ASP A 29 3.32 -8.31 0.00
C ASP A 29 3.21 -6.83 0.32
N CYS A 30 2.15 -6.47 1.04
CA CYS A 30 1.90 -5.09 1.42
C CYS A 30 1.69 -5.00 2.93
N THR A 31 1.90 -3.81 3.49
CA THR A 31 1.74 -3.62 4.93
C THR A 31 1.31 -2.19 5.26
N LEU A 32 0.17 -2.06 5.92
CA LEU A 32 -0.35 -0.75 6.31
C LEU A 32 0.55 -0.13 7.39
N VAL A 33 0.99 1.10 7.16
CA VAL A 33 1.86 1.78 8.12
C VAL A 33 1.06 2.72 9.02
N ASP A 34 0.08 3.41 8.46
CA ASP A 34 -0.72 4.33 9.25
C ASP A 34 -2.11 4.56 8.64
N VAL A 35 -3.15 4.20 9.39
CA VAL A 35 -4.53 4.38 8.93
C VAL A 35 -4.96 5.83 9.19
N GLU A 36 -5.72 6.40 8.27
CA GLU A 36 -6.15 7.79 8.42
C GLU A 36 -7.39 8.10 7.57
N ASP A 37 -7.60 9.38 7.28
CA ASP A 37 -8.76 9.82 6.49
C ASP A 37 -8.48 9.82 4.99
N GLY A 38 -7.33 10.36 4.59
CA GLY A 38 -6.98 10.43 3.17
C GLY A 38 -5.48 10.55 2.97
N ILE A 39 -4.70 10.05 3.92
CA ILE A 39 -3.24 10.08 3.83
C ILE A 39 -2.66 8.82 4.45
N VAL A 40 -3.05 7.67 3.91
CA VAL A 40 -2.60 6.38 4.44
C VAL A 40 -1.18 6.04 4.00
N LYS A 41 -0.34 5.71 4.98
CA LYS A 41 1.04 5.31 4.69
C LYS A 41 1.08 3.80 4.52
N LEU A 42 1.95 3.33 3.62
CA LEU A 42 2.05 1.89 3.38
C LEU A 42 3.50 1.46 3.20
N GLN A 43 3.69 0.14 3.09
CA GLN A 43 5.01 -0.44 2.90
C GLN A 43 4.89 -1.68 2.03
N LEU A 44 5.66 -1.73 0.96
CA LEU A 44 5.59 -2.87 0.04
C LEU A 44 6.53 -3.99 0.50
N HIS A 45 6.56 -5.08 -0.26
CA HIS A 45 7.41 -6.22 0.08
C HIS A 45 7.58 -7.12 -1.14
N GLY A 46 8.22 -6.57 -2.18
CA GLY A 46 8.44 -7.32 -3.41
C GLY A 46 9.16 -8.65 -3.14
N ALA A 47 10.49 -8.62 -3.17
CA ALA A 47 11.29 -9.82 -2.93
C ALA A 47 12.69 -9.43 -2.48
N CYS A 48 12.78 -8.40 -1.64
CA CYS A 48 14.07 -7.94 -1.12
C CYS A 48 15.01 -7.57 -2.28
N GLY A 49 14.60 -6.57 -3.07
CA GLY A 49 15.40 -6.11 -4.20
C GLY A 49 16.69 -5.44 -3.72
N THR A 50 17.46 -4.91 -4.68
CA THR A 50 18.72 -4.24 -4.36
C THR A 50 18.64 -2.76 -4.74
N CYS A 51 18.00 -2.47 -5.87
CA CYS A 51 17.86 -1.10 -6.34
C CYS A 51 16.39 -0.80 -6.64
N PRO A 52 15.65 -0.32 -5.67
CA PRO A 52 14.21 0.00 -5.85
C PRO A 52 13.97 1.26 -6.66
N SER A 53 14.89 1.58 -7.57
CA SER A 53 14.72 2.74 -8.41
C SER A 53 13.48 2.51 -9.26
N SER A 54 12.99 1.27 -9.21
CA SER A 54 11.83 0.86 -9.96
C SER A 54 10.55 1.07 -9.15
N THR A 55 10.62 0.92 -7.81
CA THR A 55 9.43 1.11 -6.99
C THR A 55 8.74 2.42 -7.34
N ILE A 56 9.55 3.47 -7.51
CA ILE A 56 9.01 4.79 -7.85
C ILE A 56 8.16 4.72 -9.12
N THR A 57 8.72 4.13 -10.17
CA THR A 57 8.01 4.01 -11.44
C THR A 57 6.78 3.11 -11.31
N LEU A 58 6.99 1.89 -10.84
CA LEU A 58 5.89 0.95 -10.67
C LEU A 58 4.80 1.53 -9.78
N LYS A 59 5.19 1.98 -8.58
CA LYS A 59 4.24 2.57 -7.64
C LYS A 59 3.37 3.62 -8.34
N ALA A 60 4.02 4.50 -9.10
CA ALA A 60 3.31 5.55 -9.81
C ALA A 60 2.26 4.98 -10.76
N GLY A 61 2.56 3.81 -11.33
CA GLY A 61 1.63 3.16 -12.24
C GLY A 61 0.34 2.80 -11.51
N ILE A 62 0.51 2.23 -10.32
CA ILE A 62 -0.63 1.84 -9.49
C ILE A 62 -1.40 3.07 -9.07
N GLU A 63 -0.73 3.97 -8.35
CA GLU A 63 -1.34 5.22 -7.89
C GLU A 63 -2.17 5.85 -9.00
N ARG A 64 -1.56 6.03 -10.17
CA ARG A 64 -2.25 6.64 -11.31
C ARG A 64 -3.56 5.90 -11.59
N ALA A 65 -3.48 4.57 -11.71
CA ALA A 65 -4.66 3.76 -11.98
C ALA A 65 -5.72 3.96 -10.91
N LEU A 66 -5.30 3.87 -9.65
CA LEU A 66 -6.22 4.03 -8.52
C LEU A 66 -6.90 5.40 -8.56
N HIS A 67 -6.10 6.46 -8.62
CA HIS A 67 -6.63 7.82 -8.65
C HIS A 67 -7.66 7.99 -9.77
N GLU A 68 -7.34 7.46 -10.95
CA GLU A 68 -8.24 7.58 -12.10
C GLU A 68 -9.55 6.84 -11.84
N GLU A 69 -9.44 5.61 -11.32
CA GLU A 69 -10.63 4.80 -11.04
C GLU A 69 -11.24 5.17 -9.69
N VAL A 70 -10.51 5.98 -8.92
CA VAL A 70 -10.98 6.40 -7.60
C VAL A 70 -10.36 7.76 -7.24
N PRO A 71 -10.81 8.80 -7.88
CA PRO A 71 -10.31 10.19 -7.65
C PRO A 71 -10.86 10.79 -6.35
N GLY A 72 -11.00 9.95 -5.33
CA GLY A 72 -11.51 10.40 -4.04
C GLY A 72 -10.37 10.57 -3.03
N VAL A 73 -9.25 9.90 -3.30
CA VAL A 73 -8.09 9.99 -2.42
C VAL A 73 -7.54 11.41 -2.38
N ILE A 74 -6.76 11.70 -1.35
CA ILE A 74 -6.18 13.01 -1.19
C ILE A 74 -4.65 12.91 -1.25
N GLU A 75 -4.13 11.89 -0.60
CA GLU A 75 -2.68 11.67 -0.58
C GLU A 75 -2.39 10.25 -0.10
N VAL A 76 -1.21 9.75 -0.46
CA VAL A 76 -0.81 8.40 -0.07
C VAL A 76 0.71 8.34 0.06
N GLU A 77 1.21 7.39 0.85
CA GLU A 77 2.64 7.24 1.06
C GLU A 77 3.02 5.77 1.18
N GLN A 78 3.08 5.10 0.03
CA GLN A 78 3.44 3.70 -0.01
C GLN A 78 4.89 3.56 -0.46
N VAL A 79 5.80 3.42 0.50
CA VAL A 79 7.22 3.31 0.21
C VAL A 79 7.76 1.92 0.52
N PHE A 80 8.92 1.59 -0.05
CA PHE A 80 9.55 0.31 0.21
C PHE A 80 10.86 0.16 -0.57
N LEU A 81 11.50 -0.99 -0.39
CA LEU A 81 12.77 -1.30 -1.05
C LEU A 81 12.60 -2.45 -2.06
N GLU A 82 11.61 -2.33 -2.96
CA GLU A 82 11.37 -3.38 -3.94
C GLU A 82 10.97 -2.79 -5.29
N HIS A 83 10.12 -3.51 -6.03
CA HIS A 83 9.67 -3.05 -7.36
C HIS A 83 8.17 -3.29 -7.50
N HIS A 84 7.74 -4.51 -7.15
CA HIS A 84 6.33 -4.90 -7.23
C HIS A 84 6.02 -5.50 -8.59
N HIS A 85 4.74 -5.48 -8.96
CA HIS A 85 4.31 -6.04 -10.25
C HIS A 85 3.62 -4.97 -11.10
N HIS A 86 2.29 -4.95 -11.04
CA HIS A 86 1.51 -3.98 -11.83
C HIS A 86 0.06 -3.97 -11.35
N HIS A 87 -0.79 -3.27 -12.11
CA HIS A 87 -2.21 -3.19 -11.78
C HIS A 87 -2.97 -4.39 -12.34
N HIS A 88 -2.22 -5.42 -12.76
CA HIS A 88 -2.83 -6.63 -13.31
C HIS A 88 -3.37 -6.37 -14.72
N MET A 1 -28.33 4.50 6.43
CA MET A 1 -27.82 4.48 7.83
C MET A 1 -26.98 3.22 8.04
N PRO A 2 -25.76 3.23 7.57
CA PRO A 2 -24.82 2.08 7.71
C PRO A 2 -24.27 1.98 9.14
N THR A 3 -23.60 0.88 9.44
CA THR A 3 -23.03 0.68 10.78
C THR A 3 -21.60 1.22 10.83
N GLU A 4 -21.17 1.66 12.01
CA GLU A 4 -19.83 2.20 12.19
C GLU A 4 -18.91 1.15 12.81
N ASN A 5 -19.41 -0.07 12.97
CA ASN A 5 -18.61 -1.14 13.55
C ASN A 5 -17.49 -1.55 12.58
N PRO A 6 -17.81 -1.73 11.33
CA PRO A 6 -16.81 -2.09 10.29
C PRO A 6 -16.00 -0.87 9.86
N THR A 7 -14.92 -0.62 10.58
CA THR A 7 -14.07 0.54 10.28
C THR A 7 -13.23 0.28 9.03
N MET A 8 -12.65 1.34 8.48
CA MET A 8 -11.82 1.22 7.29
C MET A 8 -10.77 0.14 7.45
N PHE A 9 -10.12 0.12 8.61
CA PHE A 9 -9.08 -0.88 8.90
C PHE A 9 -9.53 -2.26 8.43
N ASP A 10 -10.83 -2.51 8.54
CA ASP A 10 -11.41 -3.78 8.14
C ASP A 10 -11.16 -4.04 6.65
N GLN A 11 -11.75 -3.19 5.81
CA GLN A 11 -11.63 -3.32 4.36
C GLN A 11 -10.17 -3.31 3.90
N VAL A 12 -9.46 -2.23 4.21
CA VAL A 12 -8.08 -2.12 3.79
C VAL A 12 -7.31 -3.38 4.12
N ALA A 13 -7.25 -3.71 5.41
CA ALA A 13 -6.56 -4.91 5.82
C ALA A 13 -7.02 -6.09 4.98
N GLU A 14 -8.34 -6.16 4.77
CA GLU A 14 -8.94 -7.24 3.99
C GLU A 14 -8.46 -7.18 2.53
N VAL A 15 -8.59 -5.99 1.93
CA VAL A 15 -8.18 -5.79 0.54
C VAL A 15 -6.71 -6.13 0.34
N ILE A 16 -5.82 -5.41 1.03
CA ILE A 16 -4.38 -5.64 0.92
C ILE A 16 -4.06 -7.13 1.05
N GLU A 17 -4.65 -7.77 2.05
CA GLU A 17 -4.43 -9.20 2.29
C GLU A 17 -4.70 -10.03 1.04
N ARG A 18 -5.79 -9.69 0.34
CA ARG A 18 -6.18 -10.42 -0.87
C ARG A 18 -5.18 -10.22 -2.01
N LEU A 19 -4.78 -8.97 -2.25
CA LEU A 19 -3.86 -8.66 -3.34
C LEU A 19 -2.42 -9.08 -3.02
N ARG A 20 -2.06 -8.99 -1.75
CA ARG A 20 -0.70 -9.34 -1.30
C ARG A 20 -0.11 -10.50 -2.09
N PRO A 21 -0.69 -11.68 -2.01
CA PRO A 21 -0.21 -12.89 -2.73
C PRO A 21 0.23 -12.61 -4.17
N PHE A 22 -0.52 -11.76 -4.86
CA PHE A 22 -0.18 -11.42 -6.25
C PHE A 22 0.98 -10.44 -6.29
N LEU A 23 0.86 -9.36 -5.52
CA LEU A 23 1.90 -8.34 -5.47
C LEU A 23 3.23 -8.97 -5.10
N LEU A 24 3.18 -9.94 -4.20
CA LEU A 24 4.39 -10.64 -3.74
C LEU A 24 5.17 -11.25 -4.91
N ARG A 25 4.51 -12.16 -5.63
CA ARG A 25 5.13 -12.85 -6.75
C ARG A 25 5.69 -11.88 -7.80
N ASP A 26 5.04 -10.74 -7.99
CA ASP A 26 5.50 -9.78 -9.00
C ASP A 26 6.28 -8.62 -8.38
N GLY A 27 5.67 -7.89 -7.45
CA GLY A 27 6.34 -6.76 -6.81
C GLY A 27 6.88 -7.12 -5.43
N GLY A 28 5.98 -7.21 -4.45
CA GLY A 28 6.36 -7.54 -3.08
C GLY A 28 5.14 -7.58 -2.16
N ASP A 29 5.37 -7.27 -0.88
CA ASP A 29 4.28 -7.26 0.09
C ASP A 29 3.96 -5.84 0.55
N CYS A 30 2.68 -5.53 0.64
CA CYS A 30 2.24 -4.20 1.08
C CYS A 30 1.56 -4.31 2.44
N THR A 31 1.69 -3.25 3.26
CA THR A 31 1.09 -3.26 4.58
C THR A 31 0.71 -1.85 5.03
N LEU A 32 -0.56 -1.67 5.40
CA LEU A 32 -1.05 -0.38 5.86
C LEU A 32 -0.47 -0.07 7.24
N VAL A 33 0.10 1.11 7.40
CA VAL A 33 0.71 1.51 8.67
C VAL A 33 -0.22 2.42 9.48
N ASP A 34 -0.96 3.29 8.79
CA ASP A 34 -1.86 4.21 9.49
C ASP A 34 -2.93 4.75 8.56
N VAL A 35 -4.17 4.74 9.05
CA VAL A 35 -5.30 5.24 8.27
C VAL A 35 -5.67 6.65 8.74
N GLU A 36 -5.68 7.60 7.82
CA GLU A 36 -6.01 8.98 8.17
C GLU A 36 -6.68 9.69 6.98
N ASP A 37 -7.97 9.43 6.81
CA ASP A 37 -8.75 10.04 5.74
C ASP A 37 -8.09 9.78 4.38
N GLY A 38 -7.08 10.56 4.04
CA GLY A 38 -6.39 10.41 2.76
C GLY A 38 -4.88 10.22 2.94
N ILE A 39 -4.35 10.66 4.08
CA ILE A 39 -2.92 10.53 4.35
C ILE A 39 -2.61 9.16 4.93
N VAL A 40 -2.83 8.13 4.11
CA VAL A 40 -2.58 6.76 4.54
C VAL A 40 -1.13 6.36 4.29
N LYS A 41 -0.43 5.99 5.36
CA LYS A 41 0.95 5.54 5.26
C LYS A 41 0.98 4.04 5.05
N LEU A 42 1.87 3.56 4.19
CA LEU A 42 1.95 2.12 3.93
C LEU A 42 3.37 1.70 3.59
N GLN A 43 3.72 0.47 3.96
CA GLN A 43 5.04 -0.06 3.67
C GLN A 43 5.01 -0.90 2.40
N LEU A 44 6.19 -1.21 1.87
CA LEU A 44 6.28 -2.00 0.65
C LEU A 44 7.55 -2.85 0.67
N HIS A 45 7.42 -4.09 1.13
CA HIS A 45 8.54 -5.00 1.20
C HIS A 45 8.88 -5.53 -0.19
N GLY A 46 9.56 -4.69 -0.98
CA GLY A 46 9.94 -5.07 -2.34
C GLY A 46 11.09 -6.07 -2.33
N ALA A 47 12.32 -5.56 -2.32
CA ALA A 47 13.49 -6.41 -2.32
C ALA A 47 13.54 -7.27 -3.58
N CYS A 48 12.70 -6.93 -4.55
CA CYS A 48 12.65 -7.66 -5.81
C CYS A 48 14.02 -7.72 -6.46
N GLY A 49 14.93 -6.89 -5.96
CA GLY A 49 16.29 -6.84 -6.50
C GLY A 49 16.88 -5.43 -6.35
N THR A 50 18.19 -5.33 -6.52
CA THR A 50 18.85 -4.04 -6.41
C THR A 50 18.28 -3.05 -7.43
N CYS A 51 18.00 -1.83 -6.98
CA CYS A 51 17.43 -0.81 -7.86
C CYS A 51 16.23 -1.37 -8.62
N PRO A 52 15.13 -1.56 -7.94
CA PRO A 52 13.90 -2.12 -8.57
C PRO A 52 13.24 -1.13 -9.53
N SER A 53 13.38 -1.41 -10.82
CA SER A 53 12.79 -0.55 -11.86
C SER A 53 11.32 -0.88 -12.04
N SER A 54 10.89 -1.99 -11.43
CA SER A 54 9.49 -2.43 -11.54
C SER A 54 8.63 -1.77 -10.47
N THR A 55 9.09 -1.83 -9.21
CA THR A 55 8.34 -1.24 -8.10
C THR A 55 7.87 0.18 -8.44
N ILE A 56 8.70 0.90 -9.19
CA ILE A 56 8.36 2.27 -9.58
C ILE A 56 7.05 2.27 -10.36
N THR A 57 6.94 1.35 -11.32
CA THR A 57 5.73 1.23 -12.13
C THR A 57 4.55 0.83 -11.26
N LEU A 58 4.77 -0.17 -10.40
CA LEU A 58 3.73 -0.66 -9.51
C LEU A 58 3.19 0.48 -8.63
N LYS A 59 4.08 1.10 -7.87
CA LYS A 59 3.70 2.21 -6.99
C LYS A 59 2.80 3.20 -7.71
N ALA A 60 3.28 3.69 -8.85
CA ALA A 60 2.50 4.64 -9.65
C ALA A 60 1.20 4.02 -10.12
N GLY A 61 1.20 2.69 -10.26
CA GLY A 61 0.00 1.98 -10.70
C GLY A 61 -1.10 2.09 -9.66
N ILE A 62 -0.74 1.89 -8.40
CA ILE A 62 -1.70 1.97 -7.30
C ILE A 62 -2.26 3.38 -7.17
N GLU A 63 -1.38 4.35 -6.87
CA GLU A 63 -1.80 5.74 -6.72
C GLU A 63 -2.78 6.14 -7.84
N ARG A 64 -2.37 5.87 -9.08
CA ARG A 64 -3.20 6.18 -10.23
C ARG A 64 -4.56 5.51 -10.10
N ALA A 65 -4.55 4.27 -9.60
CA ALA A 65 -5.79 3.52 -9.42
C ALA A 65 -6.75 4.30 -8.53
N LEU A 66 -6.23 4.89 -7.46
CA LEU A 66 -7.06 5.66 -6.54
C LEU A 66 -7.73 6.80 -7.29
N HIS A 67 -6.93 7.60 -8.00
CA HIS A 67 -7.46 8.71 -8.77
C HIS A 67 -8.46 8.21 -9.82
N GLU A 68 -7.97 7.35 -10.72
CA GLU A 68 -8.81 6.78 -11.77
C GLU A 68 -9.91 5.89 -11.18
N GLU A 69 -9.81 5.59 -9.88
CA GLU A 69 -10.79 4.74 -9.23
C GLU A 69 -10.81 5.00 -7.72
N VAL A 70 -11.77 5.81 -7.29
CA VAL A 70 -11.94 6.18 -5.89
C VAL A 70 -10.93 7.25 -5.47
N PRO A 71 -11.12 8.45 -5.93
CA PRO A 71 -10.23 9.60 -5.59
C PRO A 71 -10.46 10.10 -4.17
N GLY A 72 -10.26 11.39 -3.95
CA GLY A 72 -10.45 11.97 -2.62
C GLY A 72 -9.14 11.99 -1.84
N VAL A 73 -8.21 11.13 -2.26
CA VAL A 73 -6.91 11.05 -1.61
C VAL A 73 -6.13 12.35 -1.77
N ILE A 74 -5.28 12.64 -0.80
CA ILE A 74 -4.49 13.86 -0.83
C ILE A 74 -3.00 13.53 -0.79
N GLU A 75 -2.66 12.41 -0.14
CA GLU A 75 -1.27 11.97 -0.03
C GLU A 75 -1.20 10.48 0.30
N VAL A 76 -0.08 9.85 -0.08
CA VAL A 76 0.11 8.42 0.18
C VAL A 76 1.60 8.15 0.37
N GLU A 77 1.96 7.64 1.56
CA GLU A 77 3.37 7.37 1.86
C GLU A 77 3.72 5.90 1.60
N GLN A 78 4.73 5.68 0.76
CA GLN A 78 5.19 4.34 0.43
C GLN A 78 6.65 4.15 0.88
N VAL A 79 6.84 3.82 2.15
CA VAL A 79 8.19 3.63 2.69
C VAL A 79 8.61 2.17 2.64
N PHE A 80 9.93 1.94 2.65
CA PHE A 80 10.48 0.59 2.63
C PHE A 80 10.89 0.16 4.03
N LEU A 81 11.36 -1.08 4.15
CA LEU A 81 11.79 -1.60 5.45
C LEU A 81 13.29 -1.39 5.61
N GLU A 82 13.66 -0.17 5.99
CA GLU A 82 15.07 0.19 6.19
C GLU A 82 15.85 -0.95 6.86
N HIS A 83 15.85 -0.97 8.19
CA HIS A 83 16.55 -2.01 8.93
C HIS A 83 16.13 -3.39 8.42
N HIS A 84 16.91 -3.94 7.49
CA HIS A 84 16.60 -5.23 6.89
C HIS A 84 16.63 -6.33 7.95
N HIS A 85 15.56 -7.15 7.97
CA HIS A 85 15.46 -8.25 8.92
C HIS A 85 16.18 -9.48 8.38
N HIS A 86 16.00 -10.62 9.05
CA HIS A 86 16.63 -11.86 8.61
C HIS A 86 15.57 -12.91 8.29
N HIS A 87 14.71 -12.58 7.33
CA HIS A 87 13.64 -13.50 6.92
C HIS A 87 12.97 -14.14 8.12
N HIS A 88 13.04 -13.47 9.27
CA HIS A 88 12.44 -13.98 10.50
C HIS A 88 10.94 -13.74 10.51
N MET A 1 -28.45 4.49 15.51
CA MET A 1 -27.17 4.01 16.12
C MET A 1 -26.37 3.21 15.09
N PRO A 2 -26.10 3.81 13.95
CA PRO A 2 -25.33 3.15 12.85
C PRO A 2 -24.08 2.44 13.38
N THR A 3 -23.84 1.23 12.89
CA THR A 3 -22.68 0.45 13.31
C THR A 3 -21.38 1.21 13.06
N GLU A 4 -20.31 0.78 13.72
CA GLU A 4 -19.00 1.41 13.56
C GLU A 4 -17.89 0.40 13.84
N ASN A 5 -18.13 -0.85 13.41
CA ASN A 5 -17.15 -1.91 13.61
C ASN A 5 -16.45 -2.24 12.29
N PRO A 6 -17.18 -2.39 11.22
CA PRO A 6 -16.61 -2.68 9.88
C PRO A 6 -16.03 -1.42 9.23
N THR A 7 -15.12 -0.77 9.96
CA THR A 7 -14.50 0.47 9.49
C THR A 7 -13.55 0.18 8.32
N MET A 8 -12.95 1.23 7.78
CA MET A 8 -12.01 1.10 6.67
C MET A 8 -10.98 0.02 6.95
N PHE A 9 -10.34 0.13 8.11
CA PHE A 9 -9.32 -0.84 8.52
C PHE A 9 -9.74 -2.26 8.18
N ASP A 10 -11.01 -2.55 8.39
CA ASP A 10 -11.55 -3.88 8.11
C ASP A 10 -11.35 -4.26 6.64
N GLN A 11 -11.97 -3.48 5.74
CA GLN A 11 -11.87 -3.73 4.31
C GLN A 11 -10.43 -3.67 3.81
N VAL A 12 -9.78 -2.54 4.02
CA VAL A 12 -8.41 -2.37 3.55
C VAL A 12 -7.56 -3.53 4.02
N ALA A 13 -7.48 -3.71 5.32
CA ALA A 13 -6.68 -4.79 5.87
C ALA A 13 -7.09 -6.11 5.22
N GLU A 14 -8.40 -6.29 5.05
CA GLU A 14 -8.93 -7.52 4.45
C GLU A 14 -8.45 -7.67 3.02
N VAL A 15 -8.74 -6.66 2.20
CA VAL A 15 -8.35 -6.67 0.80
C VAL A 15 -6.84 -6.78 0.64
N ILE A 16 -6.11 -5.94 1.35
CA ILE A 16 -4.65 -5.95 1.29
C ILE A 16 -4.10 -7.35 1.57
N GLU A 17 -4.50 -7.92 2.71
CA GLU A 17 -4.06 -9.25 3.09
C GLU A 17 -4.26 -10.24 1.94
N ARG A 18 -5.45 -10.20 1.34
CA ARG A 18 -5.77 -11.09 0.23
C ARG A 18 -4.91 -10.78 -0.99
N LEU A 19 -4.66 -9.49 -1.23
CA LEU A 19 -3.86 -9.07 -2.38
C LEU A 19 -2.36 -9.29 -2.15
N ARG A 20 -1.95 -9.29 -0.89
CA ARG A 20 -0.54 -9.47 -0.54
C ARG A 20 0.15 -10.53 -1.42
N PRO A 21 -0.33 -11.76 -1.36
CA PRO A 21 0.24 -12.88 -2.16
C PRO A 21 0.57 -12.50 -3.61
N PHE A 22 -0.27 -11.65 -4.20
CA PHE A 22 -0.05 -11.23 -5.58
C PHE A 22 1.08 -10.21 -5.66
N LEU A 23 1.05 -9.24 -4.76
CA LEU A 23 2.07 -8.20 -4.72
C LEU A 23 3.45 -8.81 -4.52
N LEU A 24 3.51 -9.86 -3.69
CA LEU A 24 4.79 -10.53 -3.42
C LEU A 24 5.46 -10.99 -4.73
N ARG A 25 4.75 -11.81 -5.48
CA ARG A 25 5.27 -12.34 -6.74
C ARG A 25 5.68 -11.24 -7.71
N ASP A 26 4.96 -10.13 -7.73
CA ASP A 26 5.29 -9.04 -8.67
C ASP A 26 6.07 -7.92 -8.01
N GLY A 27 5.51 -7.30 -6.97
CA GLY A 27 6.18 -6.20 -6.29
C GLY A 27 6.90 -6.67 -5.03
N GLY A 28 6.13 -6.92 -3.97
CA GLY A 28 6.69 -7.38 -2.70
C GLY A 28 5.61 -7.55 -1.65
N ASP A 29 5.93 -7.18 -0.40
CA ASP A 29 4.99 -7.30 0.69
C ASP A 29 4.60 -5.93 1.22
N CYS A 30 3.30 -5.66 1.27
CA CYS A 30 2.80 -4.37 1.76
C CYS A 30 2.68 -4.40 3.28
N THR A 31 2.68 -3.21 3.90
CA THR A 31 2.57 -3.12 5.35
C THR A 31 1.82 -1.85 5.75
N LEU A 32 0.64 -2.04 6.36
CA LEU A 32 -0.17 -0.91 6.80
C LEU A 32 0.44 -0.26 8.03
N VAL A 33 0.69 1.04 7.96
CA VAL A 33 1.28 1.78 9.07
C VAL A 33 0.21 2.50 9.88
N ASP A 34 -0.68 3.20 9.19
CA ASP A 34 -1.75 3.93 9.87
C ASP A 34 -2.84 4.36 8.89
N VAL A 35 -4.08 4.32 9.36
CA VAL A 35 -5.22 4.71 8.53
C VAL A 35 -5.75 6.06 9.01
N GLU A 36 -5.78 7.03 8.09
CA GLU A 36 -6.26 8.36 8.43
C GLU A 36 -7.08 8.95 7.29
N ASP A 37 -8.38 8.68 7.31
CA ASP A 37 -9.31 9.17 6.28
C ASP A 37 -8.83 8.77 4.88
N GLY A 38 -7.85 9.50 4.36
CA GLY A 38 -7.32 9.21 3.02
C GLY A 38 -5.80 9.16 3.02
N ILE A 39 -5.19 9.71 4.07
CA ILE A 39 -3.73 9.72 4.19
C ILE A 39 -3.25 8.40 4.80
N VAL A 40 -3.55 7.31 4.12
CA VAL A 40 -3.14 5.99 4.60
C VAL A 40 -1.63 5.77 4.41
N LYS A 41 -0.92 5.63 5.53
CA LYS A 41 0.51 5.40 5.48
C LYS A 41 0.77 3.90 5.40
N LEU A 42 1.75 3.52 4.62
CA LEU A 42 2.09 2.11 4.46
C LEU A 42 3.50 1.95 3.92
N GLN A 43 3.92 0.70 3.72
CA GLN A 43 5.26 0.44 3.21
C GLN A 43 5.23 -0.72 2.21
N LEU A 44 6.35 -0.94 1.53
CA LEU A 44 6.43 -2.01 0.54
C LEU A 44 7.86 -2.55 0.45
N HIS A 45 7.97 -3.87 0.34
CA HIS A 45 9.28 -4.52 0.26
C HIS A 45 9.15 -5.94 -0.28
N GLY A 46 9.97 -6.27 -1.28
CA GLY A 46 9.95 -7.61 -1.87
C GLY A 46 11.16 -8.41 -1.44
N ALA A 47 12.24 -7.70 -1.11
CA ALA A 47 13.49 -8.34 -0.67
C ALA A 47 14.59 -7.30 -0.55
N CYS A 48 15.17 -6.94 -1.69
CA CYS A 48 16.24 -5.96 -1.73
C CYS A 48 16.60 -5.63 -3.18
N GLY A 49 16.83 -6.67 -3.97
CA GLY A 49 17.17 -6.50 -5.39
C GLY A 49 18.19 -5.37 -5.59
N THR A 50 17.93 -4.53 -6.58
CA THR A 50 18.81 -3.41 -6.89
C THR A 50 18.05 -2.34 -7.68
N CYS A 51 17.25 -2.77 -8.64
CA CYS A 51 16.47 -1.85 -9.47
C CYS A 51 15.22 -2.54 -10.01
N PRO A 52 14.21 -2.70 -9.18
CA PRO A 52 12.94 -3.36 -9.60
C PRO A 52 12.10 -2.47 -10.51
N SER A 53 11.82 -2.97 -11.70
CA SER A 53 11.01 -2.22 -12.67
C SER A 53 9.53 -2.48 -12.42
N SER A 54 9.21 -3.67 -11.90
CA SER A 54 7.83 -4.03 -11.62
C SER A 54 7.27 -3.18 -10.48
N THR A 55 8.08 -2.98 -9.44
CA THR A 55 7.65 -2.19 -8.29
C THR A 55 7.44 -0.73 -8.69
N ILE A 56 8.41 -0.17 -9.41
CA ILE A 56 8.31 1.23 -9.85
C ILE A 56 7.07 1.44 -10.71
N THR A 57 6.89 0.56 -11.70
CA THR A 57 5.75 0.66 -12.60
C THR A 57 4.42 0.45 -11.85
N LEU A 58 4.37 -0.56 -11.00
CA LEU A 58 3.17 -0.85 -10.24
C LEU A 58 2.76 0.36 -9.40
N LYS A 59 3.67 0.83 -8.55
CA LYS A 59 3.39 1.99 -7.70
C LYS A 59 2.79 3.11 -8.53
N ALA A 60 3.49 3.48 -9.60
CA ALA A 60 3.02 4.54 -10.48
C ALA A 60 1.65 4.20 -11.07
N GLY A 61 1.30 2.92 -11.09
CA GLY A 61 0.01 2.50 -11.62
C GLY A 61 -1.11 2.85 -10.66
N ILE A 62 -0.87 2.58 -9.39
CA ILE A 62 -1.85 2.86 -8.34
C ILE A 62 -2.02 4.38 -8.22
N GLU A 63 -0.93 5.07 -7.87
CA GLU A 63 -0.97 6.52 -7.74
C GLU A 63 -1.73 7.15 -8.90
N ARG A 64 -1.42 6.71 -10.11
CA ARG A 64 -2.09 7.23 -11.31
C ARG A 64 -3.61 7.09 -11.19
N ALA A 65 -4.04 5.90 -10.77
CA ALA A 65 -5.47 5.63 -10.60
C ALA A 65 -6.08 6.59 -9.59
N LEU A 66 -5.50 6.62 -8.40
CA LEU A 66 -5.97 7.51 -7.33
C LEU A 66 -6.01 8.95 -7.81
N HIS A 67 -4.85 9.50 -8.13
CA HIS A 67 -4.78 10.87 -8.61
C HIS A 67 -5.90 11.17 -9.61
N GLU A 68 -6.04 10.31 -10.62
CA GLU A 68 -7.08 10.48 -11.63
C GLU A 68 -8.48 10.21 -11.07
N GLU A 69 -8.54 9.59 -9.89
CA GLU A 69 -9.80 9.28 -9.22
C GLU A 69 -9.55 9.16 -7.72
N VAL A 70 -9.85 10.23 -6.99
CA VAL A 70 -9.60 10.25 -5.55
C VAL A 70 -10.81 10.83 -4.78
N PRO A 71 -11.92 10.16 -4.80
CA PRO A 71 -13.14 10.62 -4.08
C PRO A 71 -13.06 10.29 -2.59
N GLY A 72 -11.83 10.25 -2.08
CA GLY A 72 -11.59 9.96 -0.67
C GLY A 72 -10.12 10.15 -0.33
N VAL A 73 -9.24 9.57 -1.15
CA VAL A 73 -7.80 9.69 -0.93
C VAL A 73 -7.33 11.11 -1.19
N ILE A 74 -6.34 11.53 -0.42
CA ILE A 74 -5.78 12.87 -0.55
C ILE A 74 -4.30 12.78 -0.85
N GLU A 75 -3.59 11.99 -0.05
CA GLU A 75 -2.16 11.80 -0.22
C GLU A 75 -1.68 10.60 0.60
N VAL A 76 -1.33 9.52 -0.07
CA VAL A 76 -0.86 8.32 0.63
C VAL A 76 0.62 8.44 0.94
N GLU A 77 1.16 7.47 1.65
CA GLU A 77 2.57 7.49 2.02
C GLU A 77 3.15 6.08 2.06
N GLN A 78 3.62 5.62 0.91
CA GLN A 78 4.20 4.28 0.82
C GLN A 78 5.72 4.39 0.88
N VAL A 79 6.26 4.22 2.10
CA VAL A 79 7.70 4.31 2.29
C VAL A 79 8.36 2.95 2.04
N PHE A 80 9.69 2.97 1.96
CA PHE A 80 10.46 1.76 1.73
C PHE A 80 11.28 1.44 2.98
N LEU A 81 11.05 0.26 3.56
CA LEU A 81 11.79 -0.13 4.75
C LEU A 81 13.27 -0.28 4.46
N GLU A 82 13.98 0.85 4.47
CA GLU A 82 15.41 0.85 4.21
C GLU A 82 16.16 -0.01 5.23
N HIS A 83 17.49 -0.07 5.06
CA HIS A 83 18.32 -0.86 5.97
C HIS A 83 19.80 -0.70 5.61
N HIS A 84 20.08 0.10 4.58
CA HIS A 84 21.45 0.32 4.15
C HIS A 84 22.20 1.21 5.16
N HIS A 85 23.41 1.62 4.80
CA HIS A 85 24.22 2.46 5.68
C HIS A 85 24.43 3.84 5.08
N HIS A 86 25.47 3.99 4.28
CA HIS A 86 25.77 5.28 3.64
C HIS A 86 25.54 5.21 2.14
N HIS A 87 24.29 4.96 1.75
CA HIS A 87 23.94 4.87 0.33
C HIS A 87 23.89 6.26 -0.30
N HIS A 88 23.82 6.29 -1.63
CA HIS A 88 23.77 7.56 -2.36
C HIS A 88 22.34 8.10 -2.40
N MET A 1 -26.36 -2.65 1.05
CA MET A 1 -26.39 -3.11 2.47
C MET A 1 -25.45 -2.25 3.31
N PRO A 2 -25.64 -0.95 3.31
CA PRO A 2 -24.80 -0.01 4.09
C PRO A 2 -24.57 -0.50 5.52
N THR A 3 -23.41 -0.17 6.07
CA THR A 3 -23.06 -0.58 7.43
C THR A 3 -21.84 0.21 7.94
N GLU A 4 -21.98 0.76 9.14
CA GLU A 4 -20.90 1.53 9.76
C GLU A 4 -20.03 0.63 10.62
N ASN A 5 -19.99 -0.66 10.28
CA ASN A 5 -19.18 -1.62 11.03
C ASN A 5 -17.88 -1.91 10.27
N PRO A 6 -17.96 -2.18 8.99
CA PRO A 6 -16.75 -2.45 8.16
C PRO A 6 -16.08 -1.14 7.74
N THR A 7 -15.35 -0.53 8.67
CA THR A 7 -14.68 0.74 8.38
C THR A 7 -13.46 0.52 7.48
N MET A 8 -12.71 1.60 7.23
CA MET A 8 -11.53 1.53 6.38
C MET A 8 -10.61 0.38 6.80
N PHE A 9 -10.15 0.42 8.04
CA PHE A 9 -9.25 -0.62 8.56
C PHE A 9 -9.75 -2.01 8.18
N ASP A 10 -11.06 -2.19 8.17
CA ASP A 10 -11.66 -3.47 7.83
C ASP A 10 -11.37 -3.84 6.37
N GLN A 11 -11.84 -2.98 5.46
CA GLN A 11 -11.66 -3.20 4.03
C GLN A 11 -10.20 -3.33 3.65
N VAL A 12 -9.40 -2.32 3.99
CA VAL A 12 -7.99 -2.35 3.65
C VAL A 12 -7.37 -3.65 4.10
N ALA A 13 -7.35 -3.89 5.40
CA ALA A 13 -6.78 -5.10 5.92
C ALA A 13 -7.32 -6.29 5.11
N GLU A 14 -8.60 -6.22 4.77
CA GLU A 14 -9.25 -7.28 3.99
C GLU A 14 -8.63 -7.38 2.60
N VAL A 15 -8.76 -6.32 1.80
CA VAL A 15 -8.23 -6.34 0.43
C VAL A 15 -6.71 -6.49 0.43
N ILE A 16 -6.02 -5.74 1.29
CA ILE A 16 -4.57 -5.83 1.35
C ILE A 16 -4.15 -7.28 1.57
N GLU A 17 -4.57 -7.84 2.71
CA GLU A 17 -4.25 -9.23 3.03
C GLU A 17 -4.67 -10.16 1.90
N ARG A 18 -5.74 -9.78 1.20
CA ARG A 18 -6.24 -10.60 0.09
C ARG A 18 -5.26 -10.61 -1.07
N LEU A 19 -4.80 -9.43 -1.48
CA LEU A 19 -3.85 -9.29 -2.58
C LEU A 19 -2.42 -9.60 -2.14
N ARG A 20 -2.18 -9.50 -0.84
CA ARG A 20 -0.85 -9.74 -0.28
C ARG A 20 -0.13 -10.91 -0.98
N PRO A 21 -0.79 -12.00 -1.28
CA PRO A 21 -0.14 -13.16 -1.94
C PRO A 21 0.04 -12.95 -3.44
N PHE A 22 -0.83 -12.14 -4.04
CA PHE A 22 -0.75 -11.87 -5.47
C PHE A 22 0.36 -10.87 -5.76
N LEU A 23 0.40 -9.79 -4.98
CA LEU A 23 1.42 -8.77 -5.16
C LEU A 23 2.80 -9.40 -5.08
N LEU A 24 2.94 -10.38 -4.18
CA LEU A 24 4.22 -11.08 -4.01
C LEU A 24 4.67 -11.70 -5.32
N ARG A 25 3.80 -12.55 -5.89
CA ARG A 25 4.12 -13.23 -7.14
C ARG A 25 4.52 -12.25 -8.24
N ASP A 26 3.90 -11.06 -8.26
CA ASP A 26 4.22 -10.08 -9.31
C ASP A 26 5.17 -8.98 -8.83
N GLY A 27 4.75 -8.22 -7.83
CA GLY A 27 5.58 -7.13 -7.32
C GLY A 27 6.28 -7.51 -6.01
N GLY A 28 5.51 -7.50 -4.91
CA GLY A 28 6.05 -7.84 -3.60
C GLY A 28 4.93 -7.93 -2.57
N ASP A 29 5.16 -7.41 -1.38
CA ASP A 29 4.15 -7.45 -0.33
C ASP A 29 3.97 -6.07 0.30
N CYS A 30 2.73 -5.56 0.27
CA CYS A 30 2.45 -4.25 0.84
C CYS A 30 1.96 -4.38 2.28
N THR A 31 2.06 -3.29 3.04
CA THR A 31 1.63 -3.30 4.43
C THR A 31 1.16 -1.91 4.87
N LEU A 32 -0.07 -1.85 5.38
CA LEU A 32 -0.64 -0.59 5.87
C LEU A 32 -0.06 -0.25 7.24
N VAL A 33 0.55 0.92 7.34
CA VAL A 33 1.14 1.36 8.61
C VAL A 33 0.16 2.21 9.40
N ASP A 34 -0.66 3.01 8.72
CA ASP A 34 -1.64 3.86 9.40
C ASP A 34 -2.65 4.44 8.42
N VAL A 35 -3.91 4.47 8.85
CA VAL A 35 -4.99 5.02 8.03
C VAL A 35 -5.37 6.40 8.54
N GLU A 36 -5.37 7.38 7.62
CA GLU A 36 -5.71 8.76 7.98
C GLU A 36 -6.36 9.48 6.81
N ASP A 37 -7.63 9.18 6.57
CA ASP A 37 -8.38 9.80 5.48
C ASP A 37 -7.66 9.60 4.14
N GLY A 38 -6.78 10.52 3.81
CA GLY A 38 -6.02 10.47 2.55
C GLY A 38 -4.53 10.27 2.82
N ILE A 39 -4.10 10.62 4.02
CA ILE A 39 -2.69 10.48 4.40
C ILE A 39 -2.43 9.06 4.88
N VAL A 40 -2.59 8.11 3.96
CA VAL A 40 -2.38 6.70 4.29
C VAL A 40 -0.91 6.31 4.12
N LYS A 41 -0.29 5.88 5.22
CA LYS A 41 1.09 5.45 5.18
C LYS A 41 1.15 3.99 4.76
N LEU A 42 2.13 3.65 3.93
CA LEU A 42 2.27 2.29 3.44
C LEU A 42 3.72 1.86 3.39
N GLN A 43 3.94 0.57 3.17
CA GLN A 43 5.29 0.02 3.09
C GLN A 43 5.33 -1.12 2.07
N LEU A 44 6.05 -0.88 0.97
CA LEU A 44 6.16 -1.89 -0.08
C LEU A 44 7.38 -2.78 0.16
N HIS A 45 7.13 -4.01 0.61
CA HIS A 45 8.19 -4.95 0.88
C HIS A 45 8.71 -5.57 -0.43
N GLY A 46 9.66 -4.88 -1.06
CA GLY A 46 10.22 -5.37 -2.31
C GLY A 46 11.39 -6.31 -2.02
N ALA A 47 11.10 -7.61 -1.93
CA ALA A 47 12.12 -8.61 -1.65
C ALA A 47 13.13 -8.68 -2.78
N CYS A 48 12.93 -7.84 -3.80
CA CYS A 48 13.83 -7.80 -4.95
C CYS A 48 14.86 -6.69 -4.77
N GLY A 49 15.63 -6.78 -3.68
CA GLY A 49 16.66 -5.77 -3.39
C GLY A 49 17.73 -5.76 -4.48
N THR A 50 17.77 -4.67 -5.24
CA THR A 50 18.75 -4.51 -6.32
C THR A 50 18.48 -3.21 -7.09
N CYS A 51 17.83 -3.34 -8.25
CA CYS A 51 17.53 -2.17 -9.08
C CYS A 51 16.22 -2.41 -9.86
N PRO A 52 15.12 -2.52 -9.16
CA PRO A 52 13.79 -2.77 -9.79
C PRO A 52 13.22 -1.49 -10.42
N SER A 53 13.08 -1.51 -11.74
CA SER A 53 12.54 -0.36 -12.46
C SER A 53 11.01 -0.40 -12.42
N SER A 54 10.47 -1.57 -12.11
CA SER A 54 9.02 -1.76 -12.05
C SER A 54 8.46 -1.21 -10.74
N THR A 55 9.07 -1.60 -9.62
CA THR A 55 8.62 -1.14 -8.30
C THR A 55 8.28 0.34 -8.36
N ILE A 56 9.09 1.11 -9.09
CA ILE A 56 8.87 2.54 -9.25
C ILE A 56 7.52 2.77 -9.93
N THR A 57 7.33 2.12 -11.08
CA THR A 57 6.08 2.23 -11.83
C THR A 57 4.92 1.67 -11.00
N LEU A 58 5.23 0.61 -10.23
CA LEU A 58 4.22 -0.03 -9.38
C LEU A 58 3.64 0.98 -8.41
N LYS A 59 4.50 1.60 -7.61
CA LYS A 59 4.06 2.60 -6.65
C LYS A 59 3.12 3.61 -7.30
N ALA A 60 3.60 4.22 -8.39
CA ALA A 60 2.79 5.18 -9.13
C ALA A 60 1.51 4.52 -9.65
N GLY A 61 1.56 3.20 -9.75
CA GLY A 61 0.41 2.42 -10.23
C GLY A 61 -0.67 2.38 -9.15
N ILE A 62 -0.25 2.15 -7.91
CA ILE A 62 -1.19 2.10 -6.79
C ILE A 62 -1.91 3.43 -6.65
N GLU A 63 -1.13 4.50 -6.45
CA GLU A 63 -1.70 5.84 -6.32
C GLU A 63 -2.76 6.06 -7.39
N ARG A 64 -2.37 5.82 -8.64
CA ARG A 64 -3.29 5.99 -9.76
C ARG A 64 -4.55 5.17 -9.50
N ALA A 65 -4.35 3.97 -8.98
CA ALA A 65 -5.47 3.10 -8.67
C ALA A 65 -6.43 3.78 -7.69
N LEU A 66 -5.86 4.35 -6.63
CA LEU A 66 -6.68 5.03 -5.63
C LEU A 66 -7.47 6.17 -6.27
N HIS A 67 -6.75 7.12 -6.86
CA HIS A 67 -7.39 8.26 -7.50
C HIS A 67 -8.42 7.77 -8.52
N GLU A 68 -7.96 6.97 -9.47
CA GLU A 68 -8.84 6.43 -10.51
C GLU A 68 -9.84 5.42 -9.94
N GLU A 69 -9.63 5.01 -8.70
CA GLU A 69 -10.51 4.05 -8.03
C GLU A 69 -10.44 4.27 -6.53
N VAL A 70 -11.43 4.99 -6.02
CA VAL A 70 -11.53 5.36 -4.61
C VAL A 70 -10.75 6.64 -4.35
N PRO A 71 -11.32 7.77 -4.69
CA PRO A 71 -10.68 9.09 -4.52
C PRO A 71 -10.64 9.55 -3.06
N GLY A 72 -10.66 10.86 -2.85
CA GLY A 72 -10.61 11.42 -1.50
C GLY A 72 -9.16 11.58 -1.05
N VAL A 73 -8.27 10.83 -1.70
CA VAL A 73 -6.85 10.90 -1.39
C VAL A 73 -6.28 12.26 -1.74
N ILE A 74 -5.38 12.73 -0.91
CA ILE A 74 -4.76 14.04 -1.10
C ILE A 74 -3.26 13.89 -1.23
N GLU A 75 -2.69 12.99 -0.42
CA GLU A 75 -1.25 12.75 -0.44
C GLU A 75 -0.93 11.44 0.29
N VAL A 76 -0.53 10.43 -0.48
CA VAL A 76 -0.20 9.13 0.10
C VAL A 76 1.24 9.12 0.61
N GLU A 77 1.63 8.02 1.23
CA GLU A 77 2.97 7.88 1.76
C GLU A 77 3.43 6.42 1.67
N GLN A 78 3.97 6.04 0.52
CA GLN A 78 4.44 4.68 0.31
C GLN A 78 5.96 4.61 0.40
N VAL A 79 6.45 4.36 1.62
CA VAL A 79 7.89 4.29 1.85
C VAL A 79 8.39 2.85 1.75
N PHE A 80 9.71 2.68 1.84
CA PHE A 80 10.33 1.36 1.74
C PHE A 80 10.62 0.81 3.13
N LEU A 81 10.88 -0.50 3.19
CA LEU A 81 11.18 -1.16 4.46
C LEU A 81 12.60 -0.84 4.90
N GLU A 82 13.57 -1.43 4.21
CA GLU A 82 14.98 -1.21 4.52
C GLU A 82 15.87 -1.94 3.52
N HIS A 83 17.02 -1.34 3.19
CA HIS A 83 17.95 -1.94 2.24
C HIS A 83 18.91 -2.89 2.94
N HIS A 84 19.80 -2.33 3.76
CA HIS A 84 20.77 -3.15 4.49
C HIS A 84 21.21 -2.43 5.76
N HIS A 85 20.60 -2.79 6.88
CA HIS A 85 20.92 -2.18 8.17
C HIS A 85 20.52 -3.10 9.31
N HIS A 86 21.45 -3.99 9.69
CA HIS A 86 21.19 -4.94 10.77
C HIS A 86 21.62 -4.36 12.11
N HIS A 87 22.84 -3.82 12.16
CA HIS A 87 23.37 -3.22 13.38
C HIS A 87 23.80 -1.78 13.14
N HIS A 88 24.00 -1.03 14.22
CA HIS A 88 24.42 0.36 14.12
C HIS A 88 25.89 0.46 13.73
#